data_7DOJ
#
_entry.id   7DOJ
#
_entity_poly.entity_id   1
_entity_poly.type   'polypeptide(L)'
_entity_poly.pdbx_seq_one_letter_code
;MKHHHHHHPMVDLAVQEIFVFTPKGDVITLPTGSTPVDFAYAVHTEVGHRCIGARVNGRLVALERKLENGEVVEVFT
;
_entity_poly.pdbx_strand_id   A
#
# COMPACT_ATOMS: atom_id res chain seq x y z
N ASP A 12 -15.23 17.19 -2.08
CA ASP A 12 -14.64 18.26 -2.93
C ASP A 12 -13.35 18.81 -2.33
N LEU A 13 -13.39 19.07 -1.02
CA LEU A 13 -12.23 19.60 -0.32
C LEU A 13 -11.04 18.66 -0.43
N ALA A 14 -10.00 18.92 0.34
CA ALA A 14 -8.80 18.09 0.32
C ALA A 14 -8.15 18.09 -1.06
N VAL A 15 -7.02 17.40 -1.17
CA VAL A 15 -6.30 17.32 -2.44
C VAL A 15 -5.02 16.50 -2.29
N GLN A 16 -4.38 16.62 -1.13
CA GLN A 16 -3.14 15.90 -0.85
C GLN A 16 -3.27 14.42 -1.19
N GLU A 17 -2.85 14.06 -2.40
CA GLU A 17 -2.92 12.68 -2.86
C GLU A 17 -1.57 11.99 -2.72
N ILE A 18 -1.58 10.67 -2.60
CA ILE A 18 -0.36 9.91 -2.46
C ILE A 18 -0.14 8.97 -3.65
N PHE A 19 1.12 8.65 -3.91
CA PHE A 19 1.48 7.75 -4.99
C PHE A 19 2.43 6.67 -4.49
N VAL A 20 2.22 5.43 -4.92
CA VAL A 20 3.07 4.33 -4.50
C VAL A 20 3.60 3.54 -5.68
N PHE A 21 4.60 2.71 -5.42
CA PHE A 21 5.20 1.89 -6.45
C PHE A 21 5.25 0.42 -6.02
N THR A 22 5.11 -0.47 -6.99
CA THR A 22 5.13 -1.90 -6.72
C THR A 22 6.44 -2.53 -7.17
N PRO A 23 6.87 -3.61 -6.50
CA PRO A 23 8.12 -4.31 -6.85
C PRO A 23 8.23 -4.60 -8.34
N LYS A 24 7.07 -4.72 -9.01
CA LYS A 24 7.04 -5.00 -10.43
C LYS A 24 7.37 -3.76 -11.25
N GLY A 25 7.18 -2.58 -10.65
CA GLY A 25 7.47 -1.34 -11.34
C GLY A 25 6.24 -0.48 -11.52
N ASP A 26 5.07 -1.09 -11.51
CA ASP A 26 3.82 -0.36 -11.68
C ASP A 26 3.66 0.73 -10.62
N VAL A 27 2.74 1.65 -10.84
CA VAL A 27 2.49 2.74 -9.92
C VAL A 27 1.02 2.83 -9.56
N ILE A 28 0.74 2.89 -8.26
CA ILE A 28 -0.64 2.99 -7.77
C ILE A 28 -0.85 4.24 -6.94
N THR A 29 -1.90 4.99 -7.26
CA THR A 29 -2.21 6.22 -6.55
C THR A 29 -3.19 5.95 -5.41
N LEU A 30 -2.88 6.49 -4.23
CA LEU A 30 -3.72 6.30 -3.06
C LEU A 30 -3.85 7.60 -2.27
N PRO A 31 -5.00 7.81 -1.60
CA PRO A 31 -5.25 9.00 -0.80
C PRO A 31 -4.44 9.01 0.49
N THR A 32 -4.24 10.21 1.05
CA THR A 32 -3.47 10.35 2.29
C THR A 32 -3.99 9.42 3.37
N GLY A 33 -3.07 8.73 4.04
CA GLY A 33 -3.46 7.81 5.10
C GLY A 33 -3.82 6.44 4.55
N SER A 34 -3.28 6.10 3.39
CA SER A 34 -3.55 4.82 2.76
C SER A 34 -2.78 3.70 3.45
N THR A 35 -3.51 2.73 3.98
CA THR A 35 -2.89 1.60 4.66
C THR A 35 -2.60 0.46 3.68
N PRO A 36 -1.78 -0.53 4.10
CA PRO A 36 -1.43 -1.67 3.26
C PRO A 36 -2.65 -2.46 2.80
N VAL A 37 -3.68 -2.48 3.64
CA VAL A 37 -4.91 -3.20 3.34
C VAL A 37 -5.51 -2.73 2.01
N ASP A 38 -5.57 -1.41 1.84
CA ASP A 38 -6.12 -0.82 0.63
C ASP A 38 -5.26 -1.21 -0.58
N PHE A 39 -3.96 -1.02 -0.45
CA PHE A 39 -3.02 -1.34 -1.53
C PHE A 39 -3.14 -2.82 -1.92
N ALA A 40 -3.18 -3.69 -0.92
CA ALA A 40 -3.28 -5.12 -1.16
C ALA A 40 -4.56 -5.45 -1.93
N TYR A 41 -5.69 -4.95 -1.43
CA TYR A 41 -6.98 -5.19 -2.07
C TYR A 41 -6.98 -4.67 -3.51
N ALA A 42 -6.30 -3.54 -3.72
CA ALA A 42 -6.22 -2.95 -5.04
C ALA A 42 -5.43 -3.84 -5.99
N VAL A 43 -4.29 -4.33 -5.52
CA VAL A 43 -3.44 -5.19 -6.32
C VAL A 43 -3.98 -6.62 -6.33
N HIS A 44 -3.84 -7.31 -5.21
CA HIS A 44 -4.30 -8.69 -5.08
C HIS A 44 -5.56 -8.74 -4.22
N THR A 45 -6.67 -9.15 -4.81
CA THR A 45 -7.93 -9.25 -4.09
C THR A 45 -7.79 -10.18 -2.88
N GLU A 46 -7.00 -11.23 -3.04
CA GLU A 46 -6.77 -12.19 -1.96
C GLU A 46 -6.02 -11.54 -0.80
N VAL A 47 -4.88 -10.94 -1.10
CA VAL A 47 -4.07 -10.28 -0.08
C VAL A 47 -4.89 -9.25 0.68
N GLY A 48 -5.66 -8.45 -0.05
CA GLY A 48 -6.48 -7.43 0.58
C GLY A 48 -7.58 -8.03 1.44
N HIS A 49 -8.21 -9.08 0.93
CA HIS A 49 -9.29 -9.75 1.66
C HIS A 49 -8.80 -10.26 3.01
N ARG A 50 -7.64 -10.93 3.00
CA ARG A 50 -7.08 -11.47 4.23
C ARG A 50 -5.58 -11.16 4.33
N CYS A 51 -5.25 -9.87 4.36
CA CYS A 51 -3.87 -9.44 4.46
C CYS A 51 -3.26 -9.87 5.79
N ILE A 52 -2.05 -10.41 5.75
CA ILE A 52 -1.37 -10.86 6.95
C ILE A 52 -0.14 -10.01 7.24
N GLY A 53 0.65 -9.73 6.19
CA GLY A 53 1.86 -8.95 6.37
C GLY A 53 2.13 -8.02 5.20
N ALA A 54 3.06 -7.10 5.39
CA ALA A 54 3.42 -6.15 4.36
C ALA A 54 4.86 -5.69 4.52
N ARG A 55 5.50 -5.33 3.41
CA ARG A 55 6.88 -4.86 3.44
C ARG A 55 7.04 -3.56 2.66
N VAL A 56 7.78 -2.61 3.25
CA VAL A 56 8.01 -1.32 2.60
C VAL A 56 9.48 -1.14 2.26
N ASN A 57 9.76 -0.95 0.98
CA ASN A 57 11.13 -0.77 0.50
C ASN A 57 12.03 -1.93 0.93
N GLY A 58 11.49 -3.14 0.85
CA GLY A 58 12.25 -4.32 1.22
C GLY A 58 12.21 -4.62 2.71
N ARG A 59 11.74 -3.65 3.51
CA ARG A 59 11.66 -3.83 4.95
C ARG A 59 10.29 -4.35 5.36
N LEU A 60 10.23 -5.05 6.48
CA LEU A 60 8.97 -5.60 6.98
C LEU A 60 8.19 -4.52 7.72
N VAL A 61 6.86 -4.59 7.64
CA VAL A 61 6.00 -3.62 8.29
C VAL A 61 4.68 -4.23 8.71
N ALA A 62 4.00 -3.58 9.65
CA ALA A 62 2.72 -4.06 10.14
C ALA A 62 1.58 -3.59 9.23
N LEU A 63 0.41 -4.22 9.39
CA LEU A 63 -0.75 -3.87 8.59
C LEU A 63 -1.27 -2.48 8.93
N GLU A 64 -0.94 -2.02 10.14
CA GLU A 64 -1.38 -0.71 10.60
C GLU A 64 -0.40 0.39 10.17
N ARG A 65 0.74 0.00 9.61
CA ARG A 65 1.75 0.95 9.18
C ARG A 65 1.27 1.73 7.95
N LYS A 66 1.27 3.05 8.05
CA LYS A 66 0.83 3.91 6.95
C LYS A 66 1.75 3.75 5.74
N LEU A 67 1.15 3.65 4.56
CA LEU A 67 1.91 3.49 3.33
C LEU A 67 2.66 4.79 2.99
N GLU A 68 3.87 4.65 2.48
CA GLU A 68 4.68 5.80 2.11
C GLU A 68 4.53 6.14 0.63
N ASN A 69 4.61 7.43 0.31
CA ASN A 69 4.46 7.88 -1.07
C ASN A 69 5.78 7.71 -1.83
N GLY A 70 5.75 6.87 -2.85
CA GLY A 70 6.94 6.64 -3.65
C GLY A 70 7.70 5.41 -3.22
N GLU A 71 7.43 4.94 -2.01
CA GLU A 71 8.09 3.76 -1.50
C GLU A 71 7.49 2.49 -2.08
N VAL A 72 8.22 1.39 -2.02
CA VAL A 72 7.75 0.13 -2.55
C VAL A 72 6.90 -0.61 -1.51
N VAL A 73 5.60 -0.64 -1.75
CA VAL A 73 4.67 -1.30 -0.83
C VAL A 73 4.49 -2.76 -1.18
N GLU A 74 4.55 -3.62 -0.16
CA GLU A 74 4.39 -5.05 -0.36
C GLU A 74 3.33 -5.60 0.60
N VAL A 75 2.58 -6.59 0.15
CA VAL A 75 1.54 -7.19 0.97
C VAL A 75 1.40 -8.68 0.65
N PHE A 76 1.14 -9.48 1.69
CA PHE A 76 0.98 -10.91 1.53
C PHE A 76 -0.09 -11.45 2.46
N THR A 77 -0.97 -12.28 1.92
CA THR A 77 -2.06 -12.88 2.70
C THR A 77 -1.50 -13.83 3.75
N ASP A 12 -8.25 14.04 -8.43
CA ASP A 12 -7.33 15.21 -8.48
C ASP A 12 -7.25 15.92 -7.14
N LEU A 13 -6.14 15.70 -6.44
CA LEU A 13 -5.93 16.33 -5.13
C LEU A 13 -6.90 15.76 -4.10
N ALA A 14 -8.16 16.13 -4.22
CA ALA A 14 -9.19 15.66 -3.29
C ALA A 14 -8.84 16.02 -1.86
N VAL A 15 -8.30 17.21 -1.66
CA VAL A 15 -7.92 17.67 -0.33
C VAL A 15 -6.95 16.70 0.35
N GLN A 16 -5.66 16.92 0.15
CA GLN A 16 -4.64 16.07 0.75
C GLN A 16 -4.80 14.63 0.27
N GLU A 17 -3.93 14.21 -0.64
CA GLU A 17 -3.96 12.85 -1.17
C GLU A 17 -2.63 12.16 -1.01
N ILE A 18 -2.62 10.84 -1.13
CA ILE A 18 -1.42 10.05 -1.00
C ILE A 18 -1.09 9.34 -2.30
N PHE A 19 0.20 9.11 -2.54
CA PHE A 19 0.66 8.43 -3.73
C PHE A 19 1.70 7.38 -3.37
N VAL A 20 1.61 6.21 -3.99
CA VAL A 20 2.55 5.14 -3.72
C VAL A 20 2.97 4.42 -4.98
N PHE A 21 4.02 3.62 -4.87
CA PHE A 21 4.54 2.87 -6.00
C PHE A 21 4.71 1.39 -5.63
N THR A 22 4.50 0.51 -6.61
CA THR A 22 4.63 -0.92 -6.38
C THR A 22 5.96 -1.43 -6.92
N PRO A 23 6.49 -2.51 -6.33
CA PRO A 23 7.77 -3.10 -6.76
C PRO A 23 7.83 -3.29 -8.26
N LYS A 24 6.67 -3.44 -8.90
CA LYS A 24 6.61 -3.64 -10.34
C LYS A 24 6.87 -2.33 -11.08
N GLY A 25 6.64 -1.20 -10.40
CA GLY A 25 6.86 0.09 -11.02
C GLY A 25 5.59 0.91 -11.15
N ASP A 26 4.45 0.23 -11.22
CA ASP A 26 3.16 0.89 -11.35
C ASP A 26 2.90 1.80 -10.15
N VAL A 27 2.23 2.93 -10.40
CA VAL A 27 1.92 3.88 -9.35
C VAL A 27 0.45 3.77 -8.93
N ILE A 28 0.22 3.77 -7.62
CA ILE A 28 -1.14 3.67 -7.09
C ILE A 28 -1.48 4.88 -6.24
N THR A 29 -2.64 5.48 -6.51
CA THR A 29 -3.08 6.65 -5.76
C THR A 29 -3.97 6.24 -4.59
N LEU A 30 -3.66 6.74 -3.41
CA LEU A 30 -4.43 6.43 -2.21
C LEU A 30 -4.63 7.67 -1.36
N PRO A 31 -5.75 7.74 -0.62
CA PRO A 31 -6.06 8.89 0.24
C PRO A 31 -5.15 8.94 1.46
N THR A 32 -5.02 10.14 2.02
CA THR A 32 -4.17 10.35 3.20
C THR A 32 -4.51 9.35 4.32
N GLY A 33 -3.49 8.77 4.91
CA GLY A 33 -3.69 7.81 5.98
C GLY A 33 -4.14 6.45 5.47
N SER A 34 -3.72 6.12 4.25
CA SER A 34 -4.07 4.85 3.63
C SER A 34 -3.22 3.72 4.20
N THR A 35 -3.89 2.66 4.67
CA THR A 35 -3.22 1.51 5.24
C THR A 35 -2.89 0.48 4.16
N PRO A 36 -2.03 -0.51 4.47
CA PRO A 36 -1.64 -1.56 3.54
C PRO A 36 -2.82 -2.40 3.07
N VAL A 37 -3.82 -2.55 3.94
CA VAL A 37 -5.01 -3.34 3.62
C VAL A 37 -5.68 -2.81 2.35
N ASP A 38 -5.84 -1.49 2.28
CA ASP A 38 -6.45 -0.86 1.12
C ASP A 38 -5.63 -1.12 -0.14
N PHE A 39 -4.34 -0.87 -0.05
CA PHE A 39 -3.43 -1.09 -1.18
C PHE A 39 -3.46 -2.54 -1.61
N ALA A 40 -3.49 -3.45 -0.64
CA ALA A 40 -3.52 -4.87 -0.93
C ALA A 40 -4.77 -5.25 -1.73
N TYR A 41 -5.92 -4.82 -1.23
CA TYR A 41 -7.19 -5.11 -1.89
C TYR A 41 -7.20 -4.53 -3.31
N ALA A 42 -6.64 -3.33 -3.45
CA ALA A 42 -6.58 -2.67 -4.74
C ALA A 42 -5.72 -3.46 -5.72
N VAL A 43 -4.56 -3.91 -5.25
CA VAL A 43 -3.64 -4.68 -6.07
C VAL A 43 -4.10 -6.14 -6.17
N HIS A 44 -3.90 -6.87 -5.08
CA HIS A 44 -4.28 -8.27 -5.03
C HIS A 44 -5.54 -8.46 -4.18
N THR A 45 -6.63 -8.90 -4.81
CA THR A 45 -7.88 -9.11 -4.11
C THR A 45 -7.68 -10.11 -2.97
N GLU A 46 -6.78 -11.07 -3.16
CA GLU A 46 -6.49 -12.07 -2.14
C GLU A 46 -5.86 -11.43 -0.91
N VAL A 47 -4.76 -10.72 -1.12
CA VAL A 47 -4.06 -10.06 -0.03
C VAL A 47 -5.00 -9.12 0.74
N GLY A 48 -5.78 -8.35 0.00
CA GLY A 48 -6.72 -7.43 0.62
C GLY A 48 -7.74 -8.15 1.48
N HIS A 49 -8.37 -9.18 0.91
CA HIS A 49 -9.37 -9.95 1.62
C HIS A 49 -8.77 -10.63 2.84
N ARG A 50 -7.49 -10.97 2.75
CA ARG A 50 -6.79 -11.63 3.86
C ARG A 50 -5.30 -11.31 3.83
N CYS A 51 -4.95 -10.14 4.34
CA CYS A 51 -3.55 -9.71 4.37
C CYS A 51 -2.85 -10.22 5.62
N ILE A 52 -1.64 -10.73 5.47
CA ILE A 52 -0.87 -11.25 6.59
C ILE A 52 0.32 -10.36 6.91
N GLY A 53 1.07 -9.99 5.87
CA GLY A 53 2.23 -9.14 6.07
C GLY A 53 2.42 -8.14 4.96
N ALA A 54 3.38 -7.23 5.14
CA ALA A 54 3.68 -6.22 4.15
C ALA A 54 5.14 -5.78 4.24
N ARG A 55 5.74 -5.49 3.10
CA ARG A 55 7.13 -5.07 3.06
C ARG A 55 7.28 -3.72 2.38
N VAL A 56 8.09 -2.84 2.98
CA VAL A 56 8.32 -1.51 2.43
C VAL A 56 9.79 -1.32 2.07
N ASN A 57 10.03 -1.03 0.79
CA ASN A 57 11.39 -0.82 0.30
C ASN A 57 12.28 -2.02 0.61
N GLY A 58 11.73 -3.22 0.45
CA GLY A 58 12.48 -4.43 0.70
C GLY A 58 12.49 -4.85 2.16
N ARG A 59 12.05 -3.95 3.04
CA ARG A 59 12.01 -4.23 4.46
C ARG A 59 10.64 -4.76 4.88
N LEU A 60 10.61 -5.56 5.95
CA LEU A 60 9.37 -6.13 6.44
C LEU A 60 8.65 -5.14 7.35
N VAL A 61 7.31 -5.16 7.29
CA VAL A 61 6.51 -4.27 8.10
C VAL A 61 5.15 -4.87 8.44
N ALA A 62 4.51 -4.34 9.47
CA ALA A 62 3.21 -4.83 9.89
C ALA A 62 2.08 -4.19 9.08
N LEU A 63 0.93 -4.84 9.07
CA LEU A 63 -0.22 -4.33 8.33
C LEU A 63 -0.80 -3.08 8.98
N GLU A 64 -0.36 -2.77 10.20
CA GLU A 64 -0.83 -1.60 10.92
C GLU A 64 -0.02 -0.35 10.56
N ARG A 65 1.08 -0.54 9.84
CA ARG A 65 1.94 0.58 9.45
C ARG A 65 1.30 1.37 8.31
N LYS A 66 1.13 2.66 8.52
CA LYS A 66 0.55 3.53 7.50
C LYS A 66 1.43 3.60 6.26
N LEU A 67 0.79 3.64 5.09
CA LEU A 67 1.52 3.70 3.83
C LEU A 67 2.20 5.05 3.65
N GLU A 68 3.36 5.05 3.00
CA GLU A 68 4.11 6.27 2.76
C GLU A 68 3.78 6.85 1.40
N ASN A 69 4.30 8.04 1.12
CA ASN A 69 4.06 8.70 -0.15
C ASN A 69 5.24 8.54 -1.10
N GLY A 70 5.11 7.62 -2.06
CA GLY A 70 6.17 7.40 -3.02
C GLY A 70 7.01 6.17 -2.70
N GLU A 71 6.92 5.69 -1.46
CA GLU A 71 7.67 4.52 -1.05
C GLU A 71 7.10 3.25 -1.67
N VAL A 72 7.94 2.24 -1.83
CA VAL A 72 7.50 0.98 -2.41
C VAL A 72 6.91 0.07 -1.34
N VAL A 73 5.59 -0.10 -1.38
CA VAL A 73 4.90 -0.93 -0.41
C VAL A 73 4.56 -2.30 -0.99
N GLU A 74 4.56 -3.32 -0.13
CA GLU A 74 4.25 -4.68 -0.56
C GLU A 74 3.36 -5.36 0.48
N VAL A 75 2.54 -6.31 0.01
CA VAL A 75 1.64 -7.02 0.89
C VAL A 75 1.48 -8.48 0.44
N PHE A 76 1.35 -9.39 1.40
CA PHE A 76 1.19 -10.80 1.09
C PHE A 76 0.21 -11.47 2.05
N THR A 77 -0.60 -12.37 1.50
CA THR A 77 -1.59 -13.10 2.30
C THR A 77 -0.89 -14.04 3.27
N ASP A 12 -14.01 26.26 -5.19
CA ASP A 12 -13.39 24.92 -5.37
C ASP A 12 -12.79 24.41 -4.06
N LEU A 13 -12.92 23.12 -3.81
CA LEU A 13 -12.40 22.51 -2.58
C LEU A 13 -10.96 22.06 -2.80
N ALA A 14 -10.38 21.44 -1.76
CA ALA A 14 -9.01 20.95 -1.83
C ALA A 14 -8.92 19.51 -1.36
N VAL A 15 -8.10 18.72 -2.06
CA VAL A 15 -7.92 17.31 -1.71
C VAL A 15 -6.45 16.93 -1.73
N GLN A 16 -6.11 15.86 -1.02
CA GLN A 16 -4.73 15.39 -0.95
C GLN A 16 -4.65 13.88 -1.18
N GLU A 17 -3.96 13.47 -2.23
CA GLU A 17 -3.81 12.07 -2.56
C GLU A 17 -2.36 11.63 -2.42
N ILE A 18 -2.14 10.32 -2.33
CA ILE A 18 -0.80 9.78 -2.20
C ILE A 18 -0.43 8.91 -3.40
N PHE A 19 0.86 8.62 -3.53
CA PHE A 19 1.35 7.80 -4.63
C PHE A 19 2.19 6.66 -4.08
N VAL A 20 2.03 5.48 -4.65
CA VAL A 20 2.77 4.31 -4.23
C VAL A 20 3.31 3.52 -5.41
N PHE A 21 4.24 2.62 -5.13
CA PHE A 21 4.83 1.79 -6.17
C PHE A 21 4.78 0.31 -5.80
N THR A 22 5.07 -0.55 -6.77
CA THR A 22 5.04 -1.98 -6.54
C THR A 22 6.14 -2.68 -7.35
N PRO A 23 6.63 -3.84 -6.87
CA PRO A 23 7.67 -4.60 -7.55
C PRO A 23 7.40 -4.78 -9.04
N LYS A 24 6.12 -4.74 -9.42
CA LYS A 24 5.72 -4.89 -10.80
C LYS A 24 6.09 -3.65 -11.62
N GLY A 25 6.24 -2.51 -10.95
CA GLY A 25 6.58 -1.28 -11.63
C GLY A 25 5.37 -0.44 -11.98
N ASP A 26 4.32 -0.56 -11.18
CA ASP A 26 3.09 0.18 -11.40
C ASP A 26 2.83 1.15 -10.25
N VAL A 27 2.45 2.38 -10.59
CA VAL A 27 2.17 3.41 -9.60
C VAL A 27 0.69 3.45 -9.26
N ILE A 28 0.37 3.39 -7.97
CA ILE A 28 -1.01 3.43 -7.52
C ILE A 28 -1.27 4.60 -6.59
N THR A 29 -2.39 5.27 -6.78
CA THR A 29 -2.76 6.41 -5.96
C THR A 29 -3.62 5.98 -4.78
N LEU A 30 -3.28 6.46 -3.58
CA LEU A 30 -4.02 6.13 -2.39
C LEU A 30 -4.21 7.36 -1.49
N PRO A 31 -5.31 7.40 -0.73
CA PRO A 31 -5.60 8.52 0.17
C PRO A 31 -4.62 8.60 1.33
N THR A 32 -4.51 9.79 1.91
CA THR A 32 -3.61 10.01 3.04
C THR A 32 -3.85 8.99 4.15
N GLY A 33 -2.77 8.44 4.68
CA GLY A 33 -2.88 7.45 5.75
C GLY A 33 -3.34 6.10 5.23
N SER A 34 -3.08 5.83 3.97
CA SER A 34 -3.47 4.57 3.35
C SER A 34 -2.72 3.40 3.97
N THR A 35 -3.46 2.48 4.58
CA THR A 35 -2.86 1.31 5.21
C THR A 35 -2.55 0.23 4.16
N PRO A 36 -1.61 -0.67 4.48
CA PRO A 36 -1.22 -1.75 3.58
C PRO A 36 -2.42 -2.56 3.09
N VAL A 37 -3.44 -2.66 3.93
CA VAL A 37 -4.65 -3.40 3.58
C VAL A 37 -5.26 -2.88 2.29
N ASP A 38 -5.38 -1.55 2.19
CA ASP A 38 -5.94 -0.92 1.01
C ASP A 38 -5.06 -1.19 -0.21
N PHE A 39 -3.75 -1.06 -0.02
CA PHE A 39 -2.78 -1.31 -1.10
C PHE A 39 -2.90 -2.73 -1.62
N ALA A 40 -2.87 -3.69 -0.71
CA ALA A 40 -2.97 -5.11 -1.07
C ALA A 40 -4.28 -5.38 -1.82
N TYR A 41 -5.38 -4.92 -1.26
CA TYR A 41 -6.69 -5.11 -1.87
C TYR A 41 -6.73 -4.50 -3.26
N ALA A 42 -6.06 -3.36 -3.43
CA ALA A 42 -6.02 -2.67 -4.71
C ALA A 42 -5.26 -3.49 -5.74
N VAL A 43 -4.11 -4.02 -5.33
CA VAL A 43 -3.29 -4.84 -6.21
C VAL A 43 -3.83 -6.26 -6.31
N HIS A 44 -3.65 -7.02 -5.23
CA HIS A 44 -4.12 -8.40 -5.18
C HIS A 44 -5.35 -8.51 -4.30
N THR A 45 -6.49 -8.85 -4.90
CA THR A 45 -7.73 -9.00 -4.15
C THR A 45 -7.57 -10.01 -3.03
N GLU A 46 -6.75 -11.03 -3.27
CA GLU A 46 -6.50 -12.08 -2.30
C GLU A 46 -5.73 -11.52 -1.10
N VAL A 47 -4.59 -10.91 -1.36
CA VAL A 47 -3.76 -10.33 -0.31
C VAL A 47 -4.57 -9.36 0.55
N GLY A 48 -5.33 -8.50 -0.11
CA GLY A 48 -6.13 -7.53 0.61
C GLY A 48 -7.25 -8.18 1.40
N HIS A 49 -7.86 -9.21 0.81
CA HIS A 49 -8.95 -9.92 1.48
C HIS A 49 -8.48 -10.55 2.78
N ARG A 50 -7.31 -11.18 2.74
CA ARG A 50 -6.74 -11.81 3.93
C ARG A 50 -5.25 -11.52 4.05
N CYS A 51 -4.91 -10.24 4.17
CA CYS A 51 -3.51 -9.84 4.30
C CYS A 51 -2.91 -10.37 5.59
N ILE A 52 -1.70 -10.92 5.48
CA ILE A 52 -1.02 -11.48 6.66
C ILE A 52 0.23 -10.67 6.99
N GLY A 53 1.01 -10.32 5.96
CA GLY A 53 2.23 -9.57 6.18
C GLY A 53 2.53 -8.61 5.05
N ALA A 54 3.40 -7.64 5.32
CA ALA A 54 3.80 -6.66 4.32
C ALA A 54 5.19 -6.13 4.60
N ARG A 55 5.94 -5.84 3.54
CA ARG A 55 7.30 -5.33 3.68
C ARG A 55 7.49 -4.06 2.86
N VAL A 56 8.13 -3.07 3.45
CA VAL A 56 8.38 -1.80 2.77
C VAL A 56 9.88 -1.58 2.58
N ASN A 57 10.28 -1.37 1.33
CA ASN A 57 11.69 -1.14 1.01
C ASN A 57 12.56 -2.27 1.51
N GLY A 58 12.08 -3.51 1.37
CA GLY A 58 12.84 -4.66 1.81
C GLY A 58 12.68 -4.97 3.29
N ARG A 59 12.11 -4.02 4.05
CA ARG A 59 11.91 -4.20 5.48
C ARG A 59 10.52 -4.70 5.78
N LEU A 60 10.36 -5.41 6.89
CA LEU A 60 9.06 -5.94 7.29
C LEU A 60 8.23 -4.85 7.95
N VAL A 61 6.91 -4.95 7.82
CA VAL A 61 6.02 -3.97 8.41
C VAL A 61 4.70 -4.61 8.86
N ALA A 62 4.00 -3.91 9.75
CA ALA A 62 2.74 -4.40 10.27
C ALA A 62 1.57 -3.98 9.38
N LEU A 63 0.40 -4.53 9.63
CA LEU A 63 -0.78 -4.21 8.85
C LEU A 63 -1.35 -2.85 9.24
N GLU A 64 -1.07 -2.43 10.47
CA GLU A 64 -1.56 -1.14 10.97
C GLU A 64 -0.60 0.00 10.61
N ARG A 65 0.58 -0.35 10.11
CA ARG A 65 1.57 0.65 9.74
C ARG A 65 1.13 1.42 8.50
N LYS A 66 1.11 2.75 8.61
CA LYS A 66 0.70 3.60 7.51
C LYS A 66 1.67 3.48 6.33
N LEU A 67 1.11 3.40 5.13
CA LEU A 67 1.92 3.28 3.91
C LEU A 67 2.67 4.58 3.63
N GLU A 68 3.67 4.48 2.76
CA GLU A 68 4.47 5.63 2.38
C GLU A 68 4.09 6.14 1.00
N ASN A 69 4.67 7.27 0.61
CA ASN A 69 4.39 7.87 -0.69
C ASN A 69 5.57 7.69 -1.65
N GLY A 70 5.48 6.71 -2.54
CA GLY A 70 6.53 6.47 -3.49
C GLY A 70 7.42 5.30 -3.10
N GLU A 71 7.36 4.91 -1.83
CA GLU A 71 8.15 3.78 -1.34
C GLU A 71 7.62 2.47 -1.88
N VAL A 72 8.46 1.44 -1.87
CA VAL A 72 8.08 0.13 -2.36
C VAL A 72 7.38 -0.68 -1.26
N VAL A 73 6.08 -0.86 -1.40
CA VAL A 73 5.29 -1.59 -0.43
C VAL A 73 4.98 -3.00 -0.93
N GLU A 74 5.16 -3.99 -0.05
CA GLU A 74 4.88 -5.37 -0.40
C GLU A 74 3.85 -5.96 0.56
N VAL A 75 3.00 -6.85 0.05
CA VAL A 75 1.97 -7.48 0.85
C VAL A 75 1.77 -8.93 0.45
N PHE A 76 1.51 -9.78 1.45
CA PHE A 76 1.30 -11.20 1.20
C PHE A 76 0.21 -11.76 2.11
N THR A 77 -0.70 -12.54 1.53
CA THR A 77 -1.79 -13.14 2.28
C THR A 77 -1.26 -14.16 3.28
N ASP A 12 -7.49 9.72 5.26
CA ASP A 12 -8.40 10.58 6.08
C ASP A 12 -8.55 11.96 5.46
N LEU A 13 -9.79 12.33 5.15
CA LEU A 13 -10.07 13.63 4.55
C LEU A 13 -9.38 13.77 3.20
N ALA A 14 -10.02 13.24 2.16
CA ALA A 14 -9.45 13.31 0.81
C ALA A 14 -9.25 14.75 0.37
N VAL A 15 -8.21 14.98 -0.42
CA VAL A 15 -7.89 16.32 -0.91
C VAL A 15 -6.87 16.26 -2.04
N GLN A 16 -5.85 15.43 -1.87
CA GLN A 16 -4.80 15.29 -2.87
C GLN A 16 -4.57 13.81 -3.20
N GLU A 17 -3.91 13.57 -4.34
CA GLU A 17 -3.62 12.21 -4.77
C GLU A 17 -2.20 11.81 -4.40
N ILE A 18 -1.93 10.51 -4.41
CA ILE A 18 -0.61 10.00 -4.08
C ILE A 18 -0.15 8.96 -5.10
N PHE A 19 1.15 8.79 -5.21
CA PHE A 19 1.73 7.83 -6.13
C PHE A 19 2.64 6.86 -5.39
N VAL A 20 2.55 5.58 -5.74
CA VAL A 20 3.36 4.56 -5.10
C VAL A 20 3.84 3.53 -6.10
N PHE A 21 4.82 2.72 -5.70
CA PHE A 21 5.37 1.68 -6.56
C PHE A 21 5.39 0.34 -5.84
N THR A 22 5.24 -0.73 -6.62
CA THR A 22 5.24 -2.08 -6.07
C THR A 22 6.38 -2.90 -6.65
N PRO A 23 6.84 -3.94 -5.93
CA PRO A 23 7.92 -4.80 -6.39
C PRO A 23 7.76 -5.26 -7.83
N LYS A 24 6.51 -5.29 -8.29
CA LYS A 24 6.21 -5.70 -9.66
C LYS A 24 6.60 -4.61 -10.66
N GLY A 25 6.68 -3.38 -10.19
CA GLY A 25 7.04 -2.27 -11.06
C GLY A 25 5.87 -1.36 -11.38
N ASP A 26 4.66 -1.92 -11.34
CA ASP A 26 3.45 -1.16 -11.64
C ASP A 26 3.24 -0.05 -10.61
N VAL A 27 2.87 1.14 -11.08
CA VAL A 27 2.63 2.28 -10.22
C VAL A 27 1.14 2.38 -9.85
N ILE A 28 0.87 2.67 -8.58
CA ILE A 28 -0.50 2.78 -8.11
C ILE A 28 -0.77 4.17 -7.52
N THR A 29 -1.92 4.73 -7.85
CA THR A 29 -2.32 6.04 -7.35
C THR A 29 -3.37 5.92 -6.26
N LEU A 30 -3.12 6.54 -5.11
CA LEU A 30 -4.05 6.48 -4.00
C LEU A 30 -4.18 7.84 -3.31
N PRO A 31 -5.36 8.13 -2.74
CA PRO A 31 -5.61 9.40 -2.05
C PRO A 31 -4.75 9.55 -0.80
N THR A 32 -4.55 10.79 -0.38
CA THR A 32 -3.74 11.09 0.80
C THR A 32 -4.20 10.27 2.00
N GLY A 33 -3.23 9.72 2.74
CA GLY A 33 -3.55 8.91 3.90
C GLY A 33 -3.88 7.48 3.54
N SER A 34 -3.34 7.01 2.42
CA SER A 34 -3.58 5.65 1.96
C SER A 34 -2.89 4.64 2.86
N THR A 35 -3.63 3.60 3.24
CA THR A 35 -3.10 2.55 4.10
C THR A 35 -2.71 1.33 3.27
N PRO A 36 -1.96 0.39 3.87
CA PRO A 36 -1.54 -0.84 3.19
C PRO A 36 -2.71 -1.68 2.71
N VAL A 37 -3.82 -1.62 3.45
CA VAL A 37 -5.01 -2.38 3.10
C VAL A 37 -5.49 -2.01 1.70
N ASP A 38 -5.56 -0.71 1.43
CA ASP A 38 -6.01 -0.23 0.13
C ASP A 38 -5.06 -0.67 -0.97
N PHE A 39 -3.76 -0.54 -0.72
CA PHE A 39 -2.75 -0.94 -1.68
C PHE A 39 -2.87 -2.43 -2.03
N ALA A 40 -3.01 -3.25 -1.00
CA ALA A 40 -3.14 -4.69 -1.19
C ALA A 40 -4.37 -5.02 -2.02
N TYR A 41 -5.51 -4.46 -1.62
CA TYR A 41 -6.76 -4.69 -2.33
C TYR A 41 -6.65 -4.26 -3.79
N ALA A 42 -5.93 -3.17 -4.02
CA ALA A 42 -5.74 -2.65 -5.37
C ALA A 42 -4.91 -3.62 -6.21
N VAL A 43 -3.82 -4.13 -5.62
CA VAL A 43 -2.95 -5.05 -6.30
C VAL A 43 -3.54 -6.46 -6.29
N HIS A 44 -3.47 -7.09 -5.11
CA HIS A 44 -4.00 -8.44 -4.94
C HIS A 44 -5.32 -8.40 -4.16
N THR A 45 -6.41 -8.79 -4.82
CA THR A 45 -7.71 -8.80 -4.18
C THR A 45 -7.68 -9.67 -2.92
N GLU A 46 -6.88 -10.73 -2.97
CA GLU A 46 -6.77 -11.64 -1.83
C GLU A 46 -6.09 -10.95 -0.65
N VAL A 47 -4.89 -10.41 -0.89
CA VAL A 47 -4.15 -9.71 0.16
C VAL A 47 -4.98 -8.61 0.80
N GLY A 48 -5.70 -7.86 -0.04
CA GLY A 48 -6.53 -6.78 0.46
C GLY A 48 -7.69 -7.28 1.30
N HIS A 49 -8.41 -8.27 0.78
CA HIS A 49 -9.56 -8.83 1.48
C HIS A 49 -9.12 -9.43 2.81
N ARG A 50 -7.90 -9.96 2.86
CA ARG A 50 -7.38 -10.56 4.08
C ARG A 50 -5.91 -10.19 4.27
N CYS A 51 -5.63 -8.91 4.45
CA CYS A 51 -4.27 -8.43 4.65
C CYS A 51 -3.73 -8.87 6.01
N ILE A 52 -2.54 -9.46 6.02
CA ILE A 52 -1.93 -9.93 7.26
C ILE A 52 -0.62 -9.19 7.54
N GLY A 53 0.20 -9.02 6.50
CA GLY A 53 1.47 -8.35 6.67
C GLY A 53 1.83 -7.46 5.49
N ALA A 54 2.80 -6.57 5.72
CA ALA A 54 3.24 -5.66 4.68
C ALA A 54 4.69 -5.25 4.91
N ARG A 55 5.40 -4.94 3.82
CA ARG A 55 6.80 -4.54 3.92
C ARG A 55 7.08 -3.30 3.08
N VAL A 56 7.83 -2.37 3.65
CA VAL A 56 8.17 -1.13 2.95
C VAL A 56 9.67 -1.03 2.73
N ASN A 57 10.08 -0.87 1.48
CA ASN A 57 11.50 -0.76 1.14
C ASN A 57 12.29 -1.97 1.65
N GLY A 58 11.69 -3.15 1.53
CA GLY A 58 12.36 -4.36 1.98
C GLY A 58 12.19 -4.62 3.47
N ARG A 59 11.73 -3.63 4.20
CA ARG A 59 11.54 -3.78 5.64
C ARG A 59 10.10 -4.15 5.97
N LEU A 60 9.91 -4.84 7.10
CA LEU A 60 8.59 -5.26 7.52
C LEU A 60 7.82 -4.08 8.14
N VAL A 61 6.50 -4.10 8.02
CA VAL A 61 5.68 -3.03 8.58
C VAL A 61 4.29 -3.54 8.96
N ALA A 62 3.61 -2.80 9.82
CA ALA A 62 2.28 -3.16 10.26
C ALA A 62 1.22 -2.65 9.29
N LEU A 63 0.00 -3.16 9.43
CA LEU A 63 -1.10 -2.77 8.57
C LEU A 63 -1.59 -1.35 8.90
N GLU A 64 -1.22 -0.86 10.08
CA GLU A 64 -1.64 0.47 10.52
C GLU A 64 -0.65 1.54 10.04
N ARG A 65 0.49 1.11 9.51
CA ARG A 65 1.50 2.05 9.02
C ARG A 65 1.02 2.76 7.77
N LYS A 66 1.03 4.09 7.80
CA LYS A 66 0.60 4.90 6.67
C LYS A 66 1.54 4.73 5.48
N LEU A 67 0.98 4.60 4.29
CA LEU A 67 1.77 4.43 3.08
C LEU A 67 2.52 5.73 2.73
N GLU A 68 3.54 5.61 1.90
CA GLU A 68 4.33 6.75 1.48
C GLU A 68 4.31 6.91 -0.04
N ASN A 69 4.58 8.13 -0.50
CA ASN A 69 4.59 8.41 -1.93
C ASN A 69 5.94 8.06 -2.56
N GLY A 70 5.92 7.12 -3.50
CA GLY A 70 7.14 6.72 -4.17
C GLY A 70 7.82 5.54 -3.50
N GLU A 71 7.45 5.27 -2.25
CA GLU A 71 8.03 4.16 -1.51
C GLU A 71 7.46 2.83 -1.99
N VAL A 72 8.26 1.77 -1.90
CA VAL A 72 7.83 0.45 -2.31
C VAL A 72 7.08 -0.26 -1.19
N VAL A 73 5.77 -0.38 -1.36
CA VAL A 73 4.93 -1.03 -0.37
C VAL A 73 4.61 -2.47 -0.77
N GLU A 74 4.76 -3.38 0.19
CA GLU A 74 4.47 -4.79 -0.04
C GLU A 74 3.37 -5.27 0.89
N VAL A 75 2.62 -6.27 0.45
CA VAL A 75 1.54 -6.82 1.26
C VAL A 75 1.46 -8.33 1.11
N PHE A 76 0.98 -9.00 2.16
CA PHE A 76 0.85 -10.44 2.16
C PHE A 76 -0.41 -10.89 2.90
N THR A 77 -1.19 -11.75 2.25
CA THR A 77 -2.43 -12.25 2.83
C THR A 77 -2.14 -13.02 4.12
N ASP A 12 -7.84 27.78 -1.96
CA ASP A 12 -7.93 26.85 -0.80
C ASP A 12 -8.89 25.70 -1.09
N LEU A 13 -8.42 24.70 -1.82
CA LEU A 13 -9.23 23.54 -2.16
C LEU A 13 -8.76 22.30 -1.42
N ALA A 14 -7.47 22.25 -1.13
CA ALA A 14 -6.89 21.11 -0.42
C ALA A 14 -7.00 19.83 -1.24
N VAL A 15 -5.92 19.06 -1.29
CA VAL A 15 -5.91 17.80 -2.04
C VAL A 15 -5.57 16.62 -1.14
N GLN A 16 -6.55 15.75 -0.92
CA GLN A 16 -6.34 14.58 -0.08
C GLN A 16 -6.20 13.32 -0.93
N GLU A 17 -5.07 13.20 -1.62
CA GLU A 17 -4.82 12.04 -2.48
C GLU A 17 -3.49 11.37 -2.11
N ILE A 18 -3.32 10.14 -2.56
CA ILE A 18 -2.11 9.38 -2.29
C ILE A 18 -1.75 8.49 -3.47
N PHE A 19 -0.47 8.23 -3.66
CA PHE A 19 0.01 7.39 -4.73
C PHE A 19 1.15 6.51 -4.25
N VAL A 20 1.15 5.25 -4.65
CA VAL A 20 2.18 4.31 -4.24
C VAL A 20 2.69 3.50 -5.42
N PHE A 21 3.82 2.83 -5.21
CA PHE A 21 4.42 2.00 -6.25
C PHE A 21 4.73 0.61 -5.71
N THR A 22 4.61 -0.38 -6.59
CA THR A 22 4.88 -1.76 -6.22
C THR A 22 6.27 -2.19 -6.66
N PRO A 23 6.91 -3.10 -5.92
CA PRO A 23 8.25 -3.60 -6.24
C PRO A 23 8.37 -4.02 -7.70
N LYS A 24 7.24 -4.40 -8.31
CA LYS A 24 7.22 -4.82 -9.70
C LYS A 24 7.37 -3.63 -10.64
N GLY A 25 7.01 -2.44 -10.15
CA GLY A 25 7.11 -1.24 -10.96
C GLY A 25 5.77 -0.56 -11.16
N ASP A 26 4.69 -1.33 -11.05
CA ASP A 26 3.35 -0.78 -11.21
C ASP A 26 3.07 0.33 -10.21
N VAL A 27 2.02 1.10 -10.46
CA VAL A 27 1.64 2.20 -9.59
C VAL A 27 0.16 2.10 -9.20
N ILE A 28 -0.11 2.25 -7.91
CA ILE A 28 -1.48 2.18 -7.41
C ILE A 28 -1.90 3.48 -6.72
N THR A 29 -3.04 4.02 -7.12
CA THR A 29 -3.55 5.25 -6.53
C THR A 29 -4.49 4.95 -5.36
N LEU A 30 -4.23 5.57 -4.21
CA LEU A 30 -5.03 5.37 -3.03
C LEU A 30 -5.29 6.69 -2.31
N PRO A 31 -6.44 6.81 -1.63
CA PRO A 31 -6.80 8.02 -0.88
C PRO A 31 -5.89 8.24 0.32
N THR A 32 -5.81 9.48 0.78
CA THR A 32 -4.97 9.83 1.92
C THR A 32 -5.28 8.93 3.12
N GLY A 33 -4.24 8.42 3.76
CA GLY A 33 -4.41 7.56 4.91
C GLY A 33 -4.73 6.13 4.52
N SER A 34 -4.22 5.70 3.37
CA SER A 34 -4.46 4.35 2.88
C SER A 34 -3.56 3.34 3.58
N THR A 35 -4.16 2.28 4.11
CA THR A 35 -3.42 1.24 4.80
C THR A 35 -2.94 0.17 3.82
N PRO A 36 -2.00 -0.70 4.25
CA PRO A 36 -1.48 -1.77 3.40
C PRO A 36 -2.58 -2.68 2.87
N VAL A 37 -3.64 -2.83 3.64
CA VAL A 37 -4.77 -3.68 3.24
C VAL A 37 -5.33 -3.23 1.89
N ASP A 38 -5.51 -1.92 1.74
CA ASP A 38 -6.04 -1.38 0.50
C ASP A 38 -5.11 -1.66 -0.67
N PHE A 39 -3.81 -1.39 -0.46
CA PHE A 39 -2.81 -1.62 -1.51
C PHE A 39 -2.80 -3.09 -1.92
N ALA A 40 -2.73 -3.98 -0.94
CA ALA A 40 -2.71 -5.42 -1.22
C ALA A 40 -3.95 -5.84 -1.99
N TYR A 41 -5.12 -5.42 -1.51
CA TYR A 41 -6.38 -5.75 -2.17
C TYR A 41 -6.40 -5.21 -3.59
N ALA A 42 -5.78 -4.06 -3.80
CA ALA A 42 -5.73 -3.45 -5.12
C ALA A 42 -4.89 -4.29 -6.07
N VAL A 43 -3.73 -4.75 -5.59
CA VAL A 43 -2.84 -5.57 -6.38
C VAL A 43 -3.31 -7.01 -6.41
N HIS A 44 -3.14 -7.70 -5.28
CA HIS A 44 -3.56 -9.09 -5.17
C HIS A 44 -4.82 -9.20 -4.32
N THR A 45 -5.90 -9.66 -4.93
CA THR A 45 -7.16 -9.82 -4.21
C THR A 45 -7.01 -10.75 -3.02
N GLU A 46 -6.19 -11.79 -3.19
CA GLU A 46 -5.94 -12.76 -2.12
C GLU A 46 -5.19 -12.11 -0.96
N VAL A 47 -4.12 -11.40 -1.28
CA VAL A 47 -3.33 -10.73 -0.25
C VAL A 47 -4.18 -9.74 0.54
N GLY A 48 -4.98 -8.97 -0.17
CA GLY A 48 -5.84 -7.99 0.47
C GLY A 48 -6.94 -8.64 1.29
N HIS A 49 -7.48 -9.74 0.77
CA HIS A 49 -8.55 -10.46 1.47
C HIS A 49 -8.06 -11.01 2.80
N ARG A 50 -6.87 -11.60 2.80
CA ARG A 50 -6.29 -12.15 4.01
C ARG A 50 -4.86 -11.66 4.22
N CYS A 51 -4.69 -10.34 4.20
CA CYS A 51 -3.38 -9.74 4.39
C CYS A 51 -2.78 -10.16 5.73
N ILE A 52 -1.58 -10.72 5.69
CA ILE A 52 -0.90 -11.16 6.90
C ILE A 52 0.29 -10.26 7.23
N GLY A 53 1.10 -9.97 6.21
CA GLY A 53 2.26 -9.12 6.43
C GLY A 53 2.53 -8.19 5.27
N ALA A 54 3.42 -7.22 5.48
CA ALA A 54 3.78 -6.27 4.44
C ALA A 54 5.20 -5.76 4.64
N ARG A 55 5.84 -5.38 3.54
CA ARG A 55 7.21 -4.87 3.59
C ARG A 55 7.37 -3.62 2.73
N VAL A 56 8.05 -2.62 3.27
CA VAL A 56 8.27 -1.38 2.54
C VAL A 56 9.75 -1.21 2.20
N ASN A 57 10.04 -1.10 0.91
CA ASN A 57 11.42 -0.93 0.45
C ASN A 57 12.30 -2.06 0.96
N GLY A 58 11.77 -3.27 0.95
CA GLY A 58 12.54 -4.43 1.39
C GLY A 58 12.48 -4.63 2.90
N ARG A 59 12.00 -3.62 3.62
CA ARG A 59 11.90 -3.72 5.08
C ARG A 59 10.52 -4.24 5.50
N LEU A 60 10.50 -5.00 6.58
CA LEU A 60 9.25 -5.56 7.10
C LEU A 60 8.44 -4.47 7.82
N VAL A 61 7.11 -4.58 7.74
CA VAL A 61 6.25 -3.61 8.38
C VAL A 61 4.91 -4.23 8.79
N ALA A 62 4.22 -3.57 9.72
CA ALA A 62 2.94 -4.05 10.19
C ALA A 62 1.80 -3.56 9.30
N LEU A 63 0.65 -4.23 9.39
CA LEU A 63 -0.51 -3.85 8.59
C LEU A 63 -1.13 -2.55 9.08
N GLU A 64 -0.72 -2.09 10.26
CA GLU A 64 -1.25 -0.86 10.83
C GLU A 64 -0.45 0.35 10.36
N ARG A 65 0.68 0.12 9.71
CA ARG A 65 1.51 1.21 9.22
C ARG A 65 0.86 1.91 8.03
N LYS A 66 0.69 3.23 8.15
CA LYS A 66 0.07 4.02 7.09
C LYS A 66 0.96 4.04 5.84
N LEU A 67 0.35 3.81 4.68
CA LEU A 67 1.08 3.80 3.42
C LEU A 67 1.53 5.21 3.05
N GLU A 68 2.78 5.33 2.58
CA GLU A 68 3.34 6.61 2.19
C GLU A 68 3.16 6.81 0.69
N ASN A 69 3.51 8.01 0.21
CA ASN A 69 3.38 8.33 -1.20
C ASN A 69 4.71 8.18 -1.93
N GLY A 70 4.76 7.24 -2.88
CA GLY A 70 5.97 7.02 -3.64
C GLY A 70 6.81 5.88 -3.11
N GLU A 71 6.55 5.48 -1.86
CA GLU A 71 7.29 4.39 -1.25
C GLU A 71 6.83 3.04 -1.80
N VAL A 72 7.78 2.11 -1.94
CA VAL A 72 7.46 0.79 -2.45
C VAL A 72 6.99 -0.12 -1.32
N VAL A 73 5.70 -0.43 -1.32
CA VAL A 73 5.12 -1.27 -0.29
C VAL A 73 4.74 -2.64 -0.84
N GLU A 74 4.85 -3.66 0.01
CA GLU A 74 4.51 -5.02 -0.38
C GLU A 74 3.62 -5.67 0.67
N VAL A 75 2.85 -6.67 0.25
CA VAL A 75 1.96 -7.37 1.16
C VAL A 75 1.83 -8.83 0.78
N PHE A 76 1.63 -9.69 1.78
CA PHE A 76 1.48 -11.12 1.55
C PHE A 76 0.46 -11.73 2.48
N THR A 77 -0.38 -12.60 1.94
CA THR A 77 -1.42 -13.28 2.71
C THR A 77 -0.80 -14.18 3.78
N ASP A 12 -16.57 13.22 -4.25
CA ASP A 12 -15.50 13.07 -3.23
C ASP A 12 -14.61 14.30 -3.18
N LEU A 13 -14.22 14.69 -1.97
CA LEU A 13 -13.36 15.86 -1.79
C LEU A 13 -11.90 15.45 -1.66
N ALA A 14 -11.09 15.88 -2.62
CA ALA A 14 -9.66 15.55 -2.62
C ALA A 14 -8.82 16.78 -2.34
N VAL A 15 -7.87 16.66 -1.43
CA VAL A 15 -6.99 17.77 -1.07
C VAL A 15 -5.53 17.36 -1.16
N GLN A 16 -5.21 16.17 -0.64
CA GLN A 16 -3.84 15.67 -0.67
C GLN A 16 -3.81 14.22 -1.13
N GLU A 17 -2.90 13.92 -2.05
CA GLU A 17 -2.76 12.57 -2.58
C GLU A 17 -1.31 12.07 -2.43
N ILE A 18 -1.16 10.76 -2.34
CA ILE A 18 0.15 10.14 -2.20
C ILE A 18 0.48 9.27 -3.40
N PHE A 19 1.76 8.97 -3.57
CA PHE A 19 2.22 8.15 -4.67
C PHE A 19 3.09 7.00 -4.15
N VAL A 20 2.89 5.82 -4.72
CA VAL A 20 3.66 4.65 -4.32
C VAL A 20 4.11 3.86 -5.54
N PHE A 21 5.03 2.93 -5.34
CA PHE A 21 5.55 2.12 -6.42
C PHE A 21 5.45 0.63 -6.07
N THR A 22 5.22 -0.19 -7.09
CA THR A 22 5.09 -1.62 -6.91
C THR A 22 6.40 -2.34 -7.16
N PRO A 23 6.49 -3.62 -6.77
CA PRO A 23 7.70 -4.41 -6.96
C PRO A 23 8.08 -4.55 -8.43
N LYS A 24 7.08 -4.38 -9.31
CA LYS A 24 7.31 -4.49 -10.74
C LYS A 24 7.70 -3.14 -11.34
N GLY A 25 7.34 -2.06 -10.66
CA GLY A 25 7.67 -0.74 -11.14
C GLY A 25 6.45 0.16 -11.31
N ASP A 26 5.26 -0.43 -11.27
CA ASP A 26 4.03 0.33 -11.43
C ASP A 26 3.91 1.42 -10.37
N VAL A 27 2.96 2.32 -10.57
CA VAL A 27 2.74 3.42 -9.63
C VAL A 27 1.28 3.50 -9.21
N ILE A 28 1.05 3.54 -7.90
CA ILE A 28 -0.30 3.61 -7.36
C ILE A 28 -0.50 4.85 -6.50
N THR A 29 -1.65 5.50 -6.67
CA THR A 29 -1.96 6.71 -5.92
C THR A 29 -2.84 6.35 -4.71
N LEU A 30 -2.47 6.89 -3.54
CA LEU A 30 -3.21 6.63 -2.32
C LEU A 30 -3.37 7.89 -1.49
N PRO A 31 -4.46 8.00 -0.72
CA PRO A 31 -4.72 9.17 0.13
C PRO A 31 -3.75 9.26 1.29
N THR A 32 -3.58 10.48 1.81
CA THR A 32 -2.68 10.71 2.94
C THR A 32 -2.99 9.78 4.11
N GLY A 33 -1.94 9.22 4.71
CA GLY A 33 -2.12 8.32 5.82
C GLY A 33 -2.68 6.98 5.40
N SER A 34 -2.40 6.59 4.15
CA SER A 34 -2.89 5.32 3.64
C SER A 34 -2.25 4.15 4.38
N THR A 35 -2.86 2.98 4.28
CA THR A 35 -2.37 1.78 4.93
C THR A 35 -2.21 0.63 3.94
N PRO A 36 -1.48 -0.43 4.33
CA PRO A 36 -1.26 -1.59 3.46
C PRO A 36 -2.57 -2.21 2.98
N VAL A 37 -3.60 -2.13 3.82
CA VAL A 37 -4.90 -2.70 3.49
C VAL A 37 -5.44 -2.10 2.19
N ASP A 38 -5.35 -0.78 2.06
CA ASP A 38 -5.82 -0.10 0.86
C ASP A 38 -5.01 -0.53 -0.36
N PHE A 39 -3.69 -0.51 -0.23
CA PHE A 39 -2.81 -0.90 -1.32
C PHE A 39 -3.10 -2.33 -1.77
N ALA A 40 -3.21 -3.23 -0.81
CA ALA A 40 -3.49 -4.64 -1.10
C ALA A 40 -4.83 -4.79 -1.82
N TYR A 41 -5.87 -4.20 -1.24
CA TYR A 41 -7.20 -4.26 -1.83
C TYR A 41 -7.20 -3.73 -3.25
N ALA A 42 -6.41 -2.69 -3.49
CA ALA A 42 -6.33 -2.09 -4.81
C ALA A 42 -5.66 -3.04 -5.80
N VAL A 43 -4.56 -3.65 -5.36
CA VAL A 43 -3.82 -4.58 -6.20
C VAL A 43 -4.50 -5.94 -6.21
N HIS A 44 -4.36 -6.66 -5.11
CA HIS A 44 -4.95 -7.99 -4.97
C HIS A 44 -6.18 -7.93 -4.06
N THR A 45 -7.34 -8.25 -4.61
CA THR A 45 -8.57 -8.24 -3.84
C THR A 45 -8.48 -9.18 -2.64
N GLU A 46 -7.83 -10.33 -2.85
CA GLU A 46 -7.66 -11.31 -1.79
C GLU A 46 -6.76 -10.77 -0.68
N VAL A 47 -5.61 -10.22 -1.07
CA VAL A 47 -4.66 -9.67 -0.11
C VAL A 47 -5.31 -8.57 0.72
N GLY A 48 -6.06 -7.70 0.06
CA GLY A 48 -6.73 -6.62 0.74
C GLY A 48 -7.87 -7.11 1.62
N HIS A 49 -8.55 -8.17 1.16
CA HIS A 49 -9.66 -8.73 1.91
C HIS A 49 -9.19 -9.31 3.24
N ARG A 50 -8.10 -10.08 3.20
CA ARG A 50 -7.54 -10.69 4.41
C ARG A 50 -6.03 -10.56 4.44
N CYS A 51 -5.54 -9.33 4.36
CA CYS A 51 -4.10 -9.08 4.38
C CYS A 51 -3.49 -9.57 5.68
N ILE A 52 -2.39 -10.32 5.57
CA ILE A 52 -1.71 -10.85 6.74
C ILE A 52 -0.44 -10.05 7.04
N GLY A 53 0.32 -9.74 6.01
CA GLY A 53 1.55 -8.98 6.20
C GLY A 53 1.86 -8.05 5.04
N ALA A 54 2.83 -7.16 5.25
CA ALA A 54 3.23 -6.21 4.23
C ALA A 54 4.68 -5.80 4.42
N ARG A 55 5.34 -5.44 3.32
CA ARG A 55 6.73 -5.02 3.37
C ARG A 55 6.95 -3.73 2.59
N VAL A 56 7.71 -2.82 3.17
CA VAL A 56 7.99 -1.53 2.53
C VAL A 56 9.47 -1.40 2.20
N ASN A 57 9.77 -1.16 0.94
CA ASN A 57 11.15 -1.01 0.48
C ASN A 57 11.98 -2.23 0.85
N GLY A 58 11.39 -3.41 0.71
CA GLY A 58 12.09 -4.64 1.02
C GLY A 58 12.05 -5.00 2.50
N ARG A 59 11.63 -4.06 3.33
CA ARG A 59 11.57 -4.29 4.77
C ARG A 59 10.16 -4.73 5.18
N LEU A 60 10.08 -5.50 6.27
CA LEU A 60 8.80 -5.98 6.76
C LEU A 60 8.07 -4.87 7.51
N VAL A 61 6.74 -4.93 7.49
CA VAL A 61 5.93 -3.93 8.16
C VAL A 61 4.59 -4.51 8.61
N ALA A 62 3.95 -3.84 9.57
CA ALA A 62 2.68 -4.27 10.09
C ALA A 62 1.53 -3.74 9.23
N LEU A 63 0.35 -4.35 9.40
CA LEU A 63 -0.82 -3.94 8.64
C LEU A 63 -1.28 -2.54 9.05
N GLU A 64 -0.98 -2.16 10.28
CA GLU A 64 -1.35 -0.85 10.79
C GLU A 64 -0.32 0.21 10.45
N ARG A 65 0.83 -0.21 9.93
CA ARG A 65 1.90 0.71 9.57
C ARG A 65 1.51 1.54 8.36
N LYS A 66 1.64 2.86 8.47
CA LYS A 66 1.31 3.76 7.37
C LYS A 66 2.22 3.54 6.18
N LEU A 67 1.66 3.63 4.99
CA LEU A 67 2.42 3.44 3.76
C LEU A 67 3.39 4.61 3.52
N GLU A 68 4.35 4.40 2.63
CA GLU A 68 5.33 5.43 2.33
C GLU A 68 5.15 5.94 0.90
N ASN A 69 5.40 7.22 0.70
CA ASN A 69 5.26 7.84 -0.62
C ASN A 69 6.51 7.62 -1.46
N GLY A 70 6.38 6.82 -2.52
CA GLY A 70 7.50 6.55 -3.40
C GLY A 70 8.18 5.24 -3.08
N GLU A 71 7.95 4.72 -1.88
CA GLU A 71 8.56 3.46 -1.47
C GLU A 71 7.82 2.28 -2.07
N VAL A 72 8.47 1.12 -2.07
CA VAL A 72 7.87 -0.10 -2.62
C VAL A 72 7.00 -0.79 -1.57
N VAL A 73 5.69 -0.72 -1.77
CA VAL A 73 4.76 -1.33 -0.84
C VAL A 73 4.44 -2.77 -1.24
N GLU A 74 4.47 -3.68 -0.26
CA GLU A 74 4.19 -5.08 -0.50
C GLU A 74 3.14 -5.59 0.46
N VAL A 75 2.28 -6.50 0.00
CA VAL A 75 1.23 -7.06 0.82
C VAL A 75 0.97 -8.52 0.47
N PHE A 76 0.72 -9.34 1.47
CA PHE A 76 0.45 -10.75 1.26
C PHE A 76 -0.63 -11.26 2.22
N THR A 77 -1.63 -11.94 1.67
CA THR A 77 -2.72 -12.48 2.46
C THR A 77 -2.23 -13.63 3.35
N ASP A 12 -11.72 21.00 -5.15
CA ASP A 12 -10.80 21.75 -6.04
C ASP A 12 -9.70 22.45 -5.24
N LEU A 13 -10.09 23.08 -4.13
CA LEU A 13 -9.13 23.78 -3.28
C LEU A 13 -8.11 22.81 -2.70
N ALA A 14 -8.53 22.04 -1.70
CA ALA A 14 -7.65 21.08 -1.06
C ALA A 14 -7.90 19.67 -1.59
N VAL A 15 -6.91 18.80 -1.43
CA VAL A 15 -7.01 17.42 -1.90
C VAL A 15 -6.09 16.50 -1.11
N GLN A 16 -6.68 15.52 -0.43
CA GLN A 16 -5.92 14.57 0.37
C GLN A 16 -5.76 13.25 -0.36
N GLU A 17 -4.67 13.14 -1.14
CA GLU A 17 -4.40 11.92 -1.90
C GLU A 17 -3.01 11.39 -1.59
N ILE A 18 -2.78 10.13 -1.94
CA ILE A 18 -1.50 9.48 -1.71
C ILE A 18 -1.07 8.69 -2.94
N PHE A 19 0.24 8.58 -3.14
CA PHE A 19 0.79 7.85 -4.27
C PHE A 19 1.81 6.83 -3.80
N VAL A 20 1.78 5.64 -4.38
CA VAL A 20 2.70 4.59 -4.02
C VAL A 20 3.19 3.83 -5.25
N PHE A 21 4.24 3.04 -5.07
CA PHE A 21 4.80 2.27 -6.16
C PHE A 21 4.97 0.81 -5.76
N THR A 22 4.80 -0.08 -6.73
CA THR A 22 4.93 -1.51 -6.50
C THR A 22 6.29 -2.02 -6.97
N PRO A 23 6.79 -3.11 -6.37
CA PRO A 23 8.09 -3.68 -6.74
C PRO A 23 8.25 -3.85 -8.25
N LYS A 24 7.12 -3.97 -8.94
CA LYS A 24 7.13 -4.15 -10.39
C LYS A 24 7.37 -2.81 -11.10
N GLY A 25 7.05 -1.71 -10.42
CA GLY A 25 7.24 -0.40 -11.00
C GLY A 25 5.95 0.36 -11.17
N ASP A 26 4.83 -0.36 -11.23
CA ASP A 26 3.53 0.26 -11.42
C ASP A 26 3.20 1.20 -10.26
N VAL A 27 2.60 2.35 -10.59
CA VAL A 27 2.22 3.33 -9.60
C VAL A 27 0.76 3.20 -9.20
N ILE A 28 0.51 3.16 -7.89
CA ILE A 28 -0.85 3.02 -7.38
C ILE A 28 -1.23 4.20 -6.50
N THR A 29 -2.40 4.77 -6.76
CA THR A 29 -2.89 5.90 -5.98
C THR A 29 -3.77 5.43 -4.83
N LEU A 30 -3.54 5.98 -3.65
CA LEU A 30 -4.32 5.61 -2.48
C LEU A 30 -4.66 6.85 -1.64
N PRO A 31 -5.81 6.83 -0.94
CA PRO A 31 -6.24 7.94 -0.10
C PRO A 31 -5.36 8.13 1.13
N THR A 32 -5.36 9.33 1.68
CA THR A 32 -4.55 9.64 2.85
C THR A 32 -4.83 8.65 3.99
N GLY A 33 -3.76 8.15 4.60
CA GLY A 33 -3.91 7.20 5.69
C GLY A 33 -4.21 5.80 5.20
N SER A 34 -3.81 5.51 3.96
CA SER A 34 -4.04 4.19 3.38
C SER A 34 -3.06 3.17 3.92
N THR A 35 -3.59 2.08 4.45
CA THR A 35 -2.76 1.02 5.01
C THR A 35 -2.58 -0.11 4.00
N PRO A 36 -1.58 -0.98 4.23
CA PRO A 36 -1.29 -2.12 3.35
C PRO A 36 -2.56 -2.84 2.89
N VAL A 37 -3.58 -2.84 3.75
CA VAL A 37 -4.83 -3.50 3.43
C VAL A 37 -5.43 -2.96 2.14
N ASP A 38 -5.45 -1.63 2.01
CA ASP A 38 -5.99 -0.98 0.82
C ASP A 38 -5.18 -1.36 -0.41
N PHE A 39 -3.87 -1.22 -0.31
CA PHE A 39 -2.97 -1.53 -1.42
C PHE A 39 -3.11 -3.00 -1.82
N ALA A 40 -3.19 -3.88 -0.82
CA ALA A 40 -3.32 -5.31 -1.07
C ALA A 40 -4.63 -5.62 -1.80
N TYR A 41 -5.74 -5.12 -1.26
CA TYR A 41 -7.05 -5.35 -1.86
C TYR A 41 -7.10 -4.80 -3.28
N ALA A 42 -6.44 -3.68 -3.50
CA ALA A 42 -6.41 -3.06 -4.82
C ALA A 42 -5.63 -3.92 -5.80
N VAL A 43 -4.48 -4.42 -5.37
CA VAL A 43 -3.65 -5.26 -6.21
C VAL A 43 -4.18 -6.68 -6.24
N HIS A 44 -3.99 -7.40 -5.14
CA HIS A 44 -4.44 -8.78 -5.01
C HIS A 44 -5.67 -8.86 -4.11
N THR A 45 -6.80 -9.26 -4.70
CA THR A 45 -8.04 -9.38 -3.93
C THR A 45 -7.84 -10.34 -2.76
N GLU A 46 -7.05 -11.39 -2.98
CA GLU A 46 -6.79 -12.38 -1.95
C GLU A 46 -5.97 -11.77 -0.81
N VAL A 47 -4.85 -11.13 -1.16
CA VAL A 47 -3.99 -10.50 -0.19
C VAL A 47 -4.76 -9.49 0.66
N GLY A 48 -5.58 -8.68 0.00
CA GLY A 48 -6.36 -7.68 0.70
C GLY A 48 -7.44 -8.30 1.56
N HIS A 49 -8.05 -9.38 1.07
CA HIS A 49 -9.10 -10.08 1.79
C HIS A 49 -8.57 -10.64 3.11
N ARG A 50 -7.38 -11.23 3.05
CA ARG A 50 -6.77 -11.82 4.24
C ARG A 50 -5.28 -11.52 4.29
N CYS A 51 -4.93 -10.23 4.32
CA CYS A 51 -3.54 -9.81 4.38
C CYS A 51 -2.89 -10.31 5.66
N ILE A 52 -1.66 -10.82 5.54
CA ILE A 52 -0.92 -11.32 6.69
C ILE A 52 0.31 -10.49 6.97
N GLY A 53 1.05 -10.14 5.92
CA GLY A 53 2.25 -9.34 6.09
C GLY A 53 2.49 -8.38 4.95
N ALA A 54 3.39 -7.42 5.18
CA ALA A 54 3.73 -6.43 4.18
C ALA A 54 5.15 -5.92 4.39
N ARG A 55 5.80 -5.50 3.30
CA ARG A 55 7.16 -5.00 3.37
C ARG A 55 7.30 -3.70 2.60
N VAL A 56 7.99 -2.74 3.20
CA VAL A 56 8.20 -1.43 2.57
C VAL A 56 9.69 -1.14 2.40
N ASN A 57 10.08 -0.74 1.20
CA ASN A 57 11.47 -0.43 0.91
C ASN A 57 12.37 -1.61 1.22
N GLY A 58 11.91 -2.81 0.88
CA GLY A 58 12.69 -4.02 1.13
C GLY A 58 12.76 -4.38 2.60
N ARG A 59 11.90 -3.75 3.43
CA ARG A 59 11.89 -4.02 4.85
C ARG A 59 10.51 -4.50 5.30
N LEU A 60 10.49 -5.32 6.35
CA LEU A 60 9.24 -5.84 6.88
C LEU A 60 8.47 -4.75 7.62
N VAL A 61 7.15 -4.80 7.54
CA VAL A 61 6.32 -3.81 8.21
C VAL A 61 5.00 -4.42 8.69
N ALA A 62 4.36 -3.72 9.63
CA ALA A 62 3.10 -4.19 10.19
C ALA A 62 1.93 -3.80 9.29
N LEU A 63 0.80 -4.46 9.49
CA LEU A 63 -0.39 -4.19 8.70
C LEU A 63 -1.02 -2.85 9.08
N GLU A 64 -0.74 -2.39 10.30
CA GLU A 64 -1.29 -1.13 10.77
C GLU A 64 -0.41 0.06 10.37
N ARG A 65 0.77 -0.22 9.82
CA ARG A 65 1.69 0.83 9.40
C ARG A 65 1.15 1.54 8.16
N LYS A 66 1.02 2.86 8.25
CA LYS A 66 0.53 3.65 7.13
C LYS A 66 1.50 3.62 5.95
N LEU A 67 0.96 3.55 4.74
CA LEU A 67 1.79 3.52 3.54
C LEU A 67 2.46 4.86 3.30
N GLU A 68 3.63 4.82 2.65
CA GLU A 68 4.38 6.02 2.37
C GLU A 68 4.06 6.55 0.97
N ASN A 69 4.56 7.75 0.66
CA ASN A 69 4.32 8.36 -0.63
C ASN A 69 5.50 8.13 -1.58
N GLY A 70 5.36 7.16 -2.48
CA GLY A 70 6.42 6.87 -3.43
C GLY A 70 7.24 5.66 -3.04
N GLU A 71 7.16 5.27 -1.78
CA GLU A 71 7.90 4.11 -1.28
C GLU A 71 7.33 2.81 -1.85
N VAL A 72 8.20 1.82 -2.02
CA VAL A 72 7.78 0.53 -2.56
C VAL A 72 7.25 -0.37 -1.45
N VAL A 73 5.94 -0.58 -1.44
CA VAL A 73 5.30 -1.41 -0.44
C VAL A 73 4.87 -2.75 -1.02
N GLU A 74 4.86 -3.77 -0.18
CA GLU A 74 4.46 -5.11 -0.60
C GLU A 74 3.50 -5.73 0.41
N VAL A 75 2.66 -6.64 -0.06
CA VAL A 75 1.69 -7.30 0.80
C VAL A 75 1.49 -8.75 0.40
N PHE A 76 1.33 -9.63 1.39
CA PHE A 76 1.12 -11.04 1.13
C PHE A 76 0.14 -11.65 2.12
N THR A 77 -0.76 -12.49 1.60
CA THR A 77 -1.76 -13.14 2.44
C THR A 77 -1.10 -14.12 3.40
N ASP A 12 -14.58 18.92 5.62
CA ASP A 12 -14.32 20.28 5.09
C ASP A 12 -12.82 20.54 4.94
N LEU A 13 -12.21 19.87 3.98
CA LEU A 13 -10.77 20.03 3.73
C LEU A 13 -10.43 19.74 2.28
N ALA A 14 -9.15 19.81 1.95
CA ALA A 14 -8.69 19.55 0.59
C ALA A 14 -8.46 18.07 0.36
N VAL A 15 -8.18 17.69 -0.89
CA VAL A 15 -7.93 16.30 -1.24
C VAL A 15 -6.87 16.19 -2.32
N GLN A 16 -5.92 15.28 -2.12
CA GLN A 16 -4.84 15.07 -3.08
C GLN A 16 -4.67 13.60 -3.40
N GLU A 17 -3.75 13.29 -4.31
CA GLU A 17 -3.48 11.91 -4.70
C GLU A 17 -2.07 11.50 -4.31
N ILE A 18 -1.82 10.19 -4.28
CA ILE A 18 -0.52 9.66 -3.93
C ILE A 18 -0.06 8.61 -4.94
N PHE A 19 1.25 8.49 -5.10
CA PHE A 19 1.82 7.52 -6.02
C PHE A 19 2.71 6.53 -5.27
N VAL A 20 2.62 5.26 -5.63
CA VAL A 20 3.41 4.23 -4.98
C VAL A 20 3.97 3.25 -6.00
N PHE A 21 4.93 2.44 -5.55
CA PHE A 21 5.57 1.45 -6.41
C PHE A 21 5.56 0.08 -5.74
N THR A 22 5.44 -0.97 -6.54
CA THR A 22 5.44 -2.32 -6.02
C THR A 22 6.63 -3.11 -6.54
N PRO A 23 7.08 -4.14 -5.79
CA PRO A 23 8.21 -4.97 -6.17
C PRO A 23 8.14 -5.44 -7.62
N LYS A 24 6.92 -5.49 -8.16
CA LYS A 24 6.72 -5.92 -9.54
C LYS A 24 7.19 -4.85 -10.52
N GLY A 25 7.24 -3.60 -10.06
CA GLY A 25 7.68 -2.51 -10.91
C GLY A 25 6.52 -1.74 -11.50
N ASP A 26 5.40 -1.73 -10.80
CA ASP A 26 4.22 -1.01 -11.26
C ASP A 26 3.89 0.17 -10.34
N VAL A 27 3.29 1.21 -10.91
CA VAL A 27 2.93 2.39 -10.16
C VAL A 27 1.43 2.43 -9.88
N ILE A 28 1.07 2.59 -8.61
CA ILE A 28 -0.32 2.64 -8.21
C ILE A 28 -0.65 3.96 -7.52
N THR A 29 -1.80 4.53 -7.88
CA THR A 29 -2.23 5.80 -7.30
C THR A 29 -3.20 5.56 -6.15
N LEU A 30 -2.95 6.22 -5.02
CA LEU A 30 -3.80 6.07 -3.85
C LEU A 30 -4.04 7.42 -3.17
N PRO A 31 -5.20 7.59 -2.52
CA PRO A 31 -5.55 8.84 -1.84
C PRO A 31 -4.71 9.06 -0.59
N THR A 32 -4.59 10.32 -0.18
CA THR A 32 -3.82 10.67 1.00
C THR A 32 -4.22 9.83 2.21
N GLY A 33 -3.23 9.30 2.91
CA GLY A 33 -3.51 8.48 4.08
C GLY A 33 -3.80 7.03 3.71
N SER A 34 -3.26 6.59 2.58
CA SER A 34 -3.46 5.23 2.12
C SER A 34 -2.83 4.22 3.07
N THR A 35 -3.40 3.02 3.12
CA THR A 35 -2.90 1.98 3.99
C THR A 35 -2.60 0.71 3.19
N PRO A 36 -1.86 -0.24 3.79
CA PRO A 36 -1.50 -1.50 3.13
C PRO A 36 -2.72 -2.29 2.69
N VAL A 37 -3.81 -2.19 3.45
CA VAL A 37 -5.04 -2.90 3.14
C VAL A 37 -5.55 -2.51 1.76
N ASP A 38 -5.58 -1.21 1.50
CA ASP A 38 -6.04 -0.71 0.21
C ASP A 38 -5.13 -1.18 -0.92
N PHE A 39 -3.83 -1.04 -0.71
CA PHE A 39 -2.84 -1.47 -1.70
C PHE A 39 -2.97 -2.96 -2.00
N ALA A 40 -3.08 -3.76 -0.95
CA ALA A 40 -3.20 -5.20 -1.09
C ALA A 40 -4.44 -5.56 -1.90
N TYR A 41 -5.58 -5.02 -1.50
CA TYR A 41 -6.84 -5.29 -2.19
C TYR A 41 -6.76 -4.87 -3.65
N ALA A 42 -6.09 -3.75 -3.90
CA ALA A 42 -5.94 -3.25 -5.26
C ALA A 42 -5.08 -4.19 -6.10
N VAL A 43 -3.97 -4.64 -5.53
CA VAL A 43 -3.07 -5.54 -6.21
C VAL A 43 -3.60 -6.98 -6.17
N HIS A 44 -3.50 -7.58 -4.99
CA HIS A 44 -3.97 -8.95 -4.80
C HIS A 44 -5.27 -8.98 -4.00
N THR A 45 -6.35 -9.39 -4.66
CA THR A 45 -7.65 -9.46 -4.00
C THR A 45 -7.58 -10.32 -2.76
N GLU A 46 -6.74 -11.34 -2.80
CA GLU A 46 -6.57 -12.26 -1.67
C GLU A 46 -5.92 -11.55 -0.49
N VAL A 47 -4.78 -10.90 -0.74
CA VAL A 47 -4.06 -10.18 0.31
C VAL A 47 -4.95 -9.11 0.94
N GLY A 48 -5.70 -8.40 0.11
CA GLY A 48 -6.59 -7.37 0.62
C GLY A 48 -7.72 -7.93 1.45
N HIS A 49 -8.34 -9.00 0.96
CA HIS A 49 -9.45 -9.63 1.67
C HIS A 49 -9.00 -10.13 3.04
N ARG A 50 -7.79 -10.69 3.08
CA ARG A 50 -7.23 -11.22 4.33
C ARG A 50 -5.78 -10.78 4.51
N CYS A 51 -5.58 -9.47 4.63
CA CYS A 51 -4.24 -8.92 4.80
C CYS A 51 -3.66 -9.32 6.15
N ILE A 52 -2.42 -9.80 6.14
CA ILE A 52 -1.76 -10.22 7.38
C ILE A 52 -0.54 -9.35 7.67
N GLY A 53 0.26 -9.09 6.64
CA GLY A 53 1.45 -8.28 6.83
C GLY A 53 1.82 -7.49 5.58
N ALA A 54 2.78 -6.59 5.73
CA ALA A 54 3.23 -5.77 4.62
C ALA A 54 4.68 -5.34 4.82
N ARG A 55 5.42 -5.22 3.72
CA ARG A 55 6.82 -4.82 3.79
C ARG A 55 7.07 -3.56 2.95
N VAL A 56 7.86 -2.64 3.50
CA VAL A 56 8.18 -1.40 2.80
C VAL A 56 9.66 -1.32 2.50
N ASN A 57 9.99 -1.22 1.21
CA ASN A 57 11.39 -1.13 0.78
C ASN A 57 12.20 -2.31 1.29
N GLY A 58 11.61 -3.50 1.26
CA GLY A 58 12.30 -4.69 1.72
C GLY A 58 12.18 -4.91 3.22
N ARG A 59 11.72 -3.89 3.94
CA ARG A 59 11.57 -4.00 5.39
C ARG A 59 10.16 -4.42 5.76
N LEU A 60 10.02 -5.07 6.91
CA LEU A 60 8.71 -5.53 7.37
C LEU A 60 7.98 -4.41 8.10
N VAL A 61 6.66 -4.39 7.99
CA VAL A 61 5.85 -3.38 8.64
C VAL A 61 4.45 -3.90 8.97
N ALA A 62 3.79 -3.22 9.89
CA ALA A 62 2.45 -3.61 10.32
C ALA A 62 1.39 -3.11 9.33
N LEU A 63 0.21 -3.70 9.39
CA LEU A 63 -0.87 -3.32 8.49
C LEU A 63 -1.40 -1.93 8.81
N GLU A 64 -1.05 -1.42 10.00
CA GLU A 64 -1.50 -0.10 10.43
C GLU A 64 -0.55 1.00 9.94
N ARG A 65 0.60 0.60 9.41
CA ARG A 65 1.59 1.56 8.92
C ARG A 65 1.11 2.22 7.62
N LYS A 66 1.06 3.55 7.62
CA LYS A 66 0.62 4.30 6.45
C LYS A 66 1.61 4.12 5.30
N LEU A 67 1.08 4.07 4.07
CA LEU A 67 1.90 3.90 2.89
C LEU A 67 2.72 5.16 2.61
N GLU A 68 3.76 5.01 1.80
CA GLU A 68 4.62 6.12 1.44
C GLU A 68 4.54 6.43 -0.06
N ASN A 69 4.57 7.72 -0.39
CA ASN A 69 4.49 8.15 -1.78
C ASN A 69 5.81 7.93 -2.50
N GLY A 70 5.85 6.92 -3.38
CA GLY A 70 7.07 6.63 -4.11
C GLY A 70 7.84 5.46 -3.54
N GLU A 71 7.54 5.11 -2.30
CA GLU A 71 8.23 4.00 -1.65
C GLU A 71 7.68 2.67 -2.15
N VAL A 72 8.45 1.61 -1.94
CA VAL A 72 8.05 0.28 -2.38
C VAL A 72 7.17 -0.39 -1.33
N VAL A 73 5.87 -0.50 -1.63
CA VAL A 73 4.93 -1.11 -0.72
C VAL A 73 4.69 -2.58 -1.05
N GLU A 74 4.70 -3.43 -0.02
CA GLU A 74 4.48 -4.85 -0.20
C GLU A 74 3.44 -5.36 0.78
N VAL A 75 2.66 -6.35 0.36
CA VAL A 75 1.63 -6.92 1.20
C VAL A 75 1.64 -8.44 1.17
N PHE A 76 1.15 -9.06 2.24
CA PHE A 76 1.11 -10.51 2.33
C PHE A 76 -0.16 -10.98 3.02
N THR A 77 -0.92 -11.82 2.34
CA THR A 77 -2.17 -12.35 2.88
C THR A 77 -1.90 -13.21 4.11
N ASP A 12 -12.43 14.92 -7.54
CA ASP A 12 -12.91 16.27 -7.94
C ASP A 12 -11.87 17.34 -7.63
N LEU A 13 -11.74 17.68 -6.35
CA LEU A 13 -10.78 18.69 -5.92
C LEU A 13 -9.78 18.11 -4.92
N ALA A 14 -10.29 17.30 -4.00
CA ALA A 14 -9.44 16.67 -3.00
C ALA A 14 -8.72 17.73 -2.15
N VAL A 15 -7.79 17.28 -1.32
CA VAL A 15 -7.03 18.19 -0.46
C VAL A 15 -5.71 17.58 -0.04
N GLN A 16 -5.74 16.31 0.37
CA GLN A 16 -4.53 15.61 0.81
C GLN A 16 -4.49 14.20 0.23
N GLU A 17 -3.73 14.03 -0.84
CA GLU A 17 -3.59 12.72 -1.48
C GLU A 17 -2.15 12.22 -1.39
N ILE A 18 -1.96 10.93 -1.60
CA ILE A 18 -0.65 10.32 -1.54
C ILE A 18 -0.35 9.51 -2.80
N PHE A 19 0.91 9.15 -2.98
CA PHE A 19 1.34 8.37 -4.12
C PHE A 19 2.27 7.25 -3.68
N VAL A 20 2.09 6.07 -4.26
CA VAL A 20 2.91 4.93 -3.93
C VAL A 20 3.36 4.19 -5.18
N PHE A 21 4.34 3.32 -5.02
CA PHE A 21 4.88 2.55 -6.13
C PHE A 21 4.91 1.06 -5.81
N THR A 22 4.69 0.24 -6.83
CA THR A 22 4.68 -1.20 -6.66
C THR A 22 6.00 -1.81 -7.13
N PRO A 23 6.41 -2.95 -6.55
CA PRO A 23 7.66 -3.61 -6.92
C PRO A 23 7.82 -3.76 -8.42
N LYS A 24 6.69 -3.77 -9.14
CA LYS A 24 6.71 -3.91 -10.59
C LYS A 24 7.08 -2.59 -11.26
N GLY A 25 6.86 -1.48 -10.55
CA GLY A 25 7.17 -0.17 -11.11
C GLY A 25 5.97 0.74 -11.20
N ASP A 26 4.77 0.15 -11.26
CA ASP A 26 3.54 0.93 -11.36
C ASP A 26 3.42 1.92 -10.20
N VAL A 27 2.48 2.86 -10.32
CA VAL A 27 2.25 3.85 -9.30
C VAL A 27 0.77 3.92 -8.91
N ILE A 28 0.51 3.84 -7.61
CA ILE A 28 -0.86 3.89 -7.11
C ILE A 28 -1.08 5.05 -6.15
N THR A 29 -2.22 5.74 -6.31
CA THR A 29 -2.55 6.87 -5.46
C THR A 29 -3.36 6.41 -4.25
N LEU A 30 -3.01 6.94 -3.08
CA LEU A 30 -3.72 6.58 -1.86
C LEU A 30 -3.94 7.80 -0.97
N PRO A 31 -5.03 7.81 -0.18
CA PRO A 31 -5.36 8.92 0.71
C PRO A 31 -4.42 9.00 1.90
N THR A 32 -4.32 10.19 2.48
CA THR A 32 -3.45 10.42 3.63
C THR A 32 -3.74 9.42 4.75
N GLY A 33 -2.69 8.83 5.31
CA GLY A 33 -2.85 7.87 6.38
C GLY A 33 -3.32 6.51 5.88
N SER A 34 -3.00 6.21 4.63
CA SER A 34 -3.39 4.93 4.03
C SER A 34 -2.66 3.76 4.70
N THR A 35 -3.21 2.57 4.56
CA THR A 35 -2.63 1.38 5.13
C THR A 35 -2.43 0.29 4.07
N PRO A 36 -1.50 -0.64 4.31
CA PRO A 36 -1.21 -1.74 3.39
C PRO A 36 -2.48 -2.48 2.94
N VAL A 37 -3.47 -2.52 3.83
CA VAL A 37 -4.73 -3.19 3.54
C VAL A 37 -5.37 -2.62 2.27
N ASP A 38 -5.42 -1.30 2.20
CA ASP A 38 -6.01 -0.62 1.06
C ASP A 38 -5.23 -0.93 -0.22
N PHE A 39 -3.90 -0.82 -0.13
CA PHE A 39 -3.03 -1.09 -1.27
C PHE A 39 -3.24 -2.51 -1.78
N ALA A 40 -3.16 -3.47 -0.86
CA ALA A 40 -3.33 -4.87 -1.21
C ALA A 40 -4.69 -5.12 -1.86
N TYR A 41 -5.74 -4.63 -1.22
CA TYR A 41 -7.10 -4.79 -1.72
C TYR A 41 -7.23 -4.17 -3.11
N ALA A 42 -6.52 -3.07 -3.33
CA ALA A 42 -6.56 -2.38 -4.62
C ALA A 42 -5.88 -3.22 -5.70
N VAL A 43 -4.72 -3.77 -5.38
CA VAL A 43 -3.97 -4.59 -6.31
C VAL A 43 -4.54 -6.00 -6.36
N HIS A 44 -4.29 -6.76 -5.30
CA HIS A 44 -4.78 -8.13 -5.21
C HIS A 44 -5.95 -8.22 -4.25
N THR A 45 -7.12 -8.55 -4.77
CA THR A 45 -8.32 -8.67 -3.93
C THR A 45 -8.07 -9.66 -2.80
N GLU A 46 -7.33 -10.71 -3.09
CA GLU A 46 -7.02 -11.73 -2.09
C GLU A 46 -6.12 -11.15 -0.99
N VAL A 47 -4.98 -10.61 -1.39
CA VAL A 47 -4.04 -10.03 -0.44
C VAL A 47 -4.73 -9.03 0.49
N GLY A 48 -5.61 -8.21 -0.09
CA GLY A 48 -6.32 -7.22 0.71
C GLY A 48 -7.40 -7.84 1.57
N HIS A 49 -8.10 -8.84 1.02
CA HIS A 49 -9.17 -9.51 1.75
C HIS A 49 -8.62 -10.26 2.97
N ARG A 50 -7.51 -10.96 2.77
CA ARG A 50 -6.89 -11.72 3.84
C ARG A 50 -5.43 -11.32 4.02
N CYS A 51 -5.18 -10.02 4.11
CA CYS A 51 -3.82 -9.52 4.30
C CYS A 51 -3.20 -10.07 5.57
N ILE A 52 -2.04 -10.69 5.44
CA ILE A 52 -1.34 -11.26 6.58
C ILE A 52 -0.04 -10.51 6.86
N GLY A 53 0.73 -10.24 5.82
CA GLY A 53 1.99 -9.53 6.00
C GLY A 53 2.23 -8.49 4.92
N ALA A 54 3.17 -7.58 5.18
CA ALA A 54 3.50 -6.54 4.24
C ALA A 54 4.95 -6.09 4.42
N ARG A 55 5.63 -5.85 3.31
CA ARG A 55 7.03 -5.42 3.35
C ARG A 55 7.28 -4.28 2.38
N VAL A 56 8.02 -3.28 2.83
CA VAL A 56 8.34 -2.12 2.00
C VAL A 56 9.85 -2.01 1.79
N ASN A 57 10.26 -1.82 0.54
CA ASN A 57 11.68 -1.70 0.21
C ASN A 57 12.47 -2.90 0.71
N GLY A 58 11.89 -4.08 0.56
CA GLY A 58 12.56 -5.30 1.00
C GLY A 58 12.60 -5.43 2.51
N ARG A 59 11.81 -4.63 3.21
CA ARG A 59 11.76 -4.67 4.66
C ARG A 59 10.36 -5.03 5.14
N LEU A 60 10.29 -5.87 6.17
CA LEU A 60 9.01 -6.28 6.73
C LEU A 60 8.34 -5.12 7.47
N VAL A 61 7.02 -5.09 7.45
CA VAL A 61 6.28 -4.03 8.11
C VAL A 61 4.97 -4.56 8.71
N ALA A 62 4.42 -3.81 9.65
CA ALA A 62 3.18 -4.19 10.30
C ALA A 62 1.97 -3.81 9.46
N LEU A 63 0.87 -4.53 9.64
CA LEU A 63 -0.35 -4.27 8.90
C LEU A 63 -0.96 -2.93 9.27
N GLU A 64 -0.69 -2.48 10.50
CA GLU A 64 -1.20 -1.21 10.99
C GLU A 64 -0.29 -0.05 10.62
N ARG A 65 0.90 -0.36 10.10
CA ARG A 65 1.85 0.67 9.72
C ARG A 65 1.38 1.43 8.48
N LYS A 66 1.30 2.75 8.59
CA LYS A 66 0.86 3.58 7.48
C LYS A 66 1.83 3.50 6.31
N LEU A 67 1.29 3.50 5.09
CA LEU A 67 2.11 3.42 3.89
C LEU A 67 2.90 4.72 3.69
N GLU A 68 3.94 4.64 2.86
CA GLU A 68 4.79 5.79 2.57
C GLU A 68 4.50 6.35 1.18
N ASN A 69 4.79 7.63 0.99
CA ASN A 69 4.56 8.29 -0.27
C ASN A 69 5.77 8.12 -1.20
N GLY A 70 5.63 7.24 -2.19
CA GLY A 70 6.70 7.01 -3.13
C GLY A 70 7.48 5.73 -2.83
N GLU A 71 7.34 5.24 -1.60
CA GLU A 71 8.03 4.03 -1.20
C GLU A 71 7.36 2.79 -1.77
N VAL A 72 8.14 1.76 -2.05
CA VAL A 72 7.61 0.52 -2.61
C VAL A 72 7.09 -0.39 -1.50
N VAL A 73 5.78 -0.52 -1.42
CA VAL A 73 5.15 -1.36 -0.41
C VAL A 73 4.60 -2.64 -1.02
N GLU A 74 4.65 -3.72 -0.24
CA GLU A 74 4.15 -5.01 -0.70
C GLU A 74 3.31 -5.69 0.39
N VAL A 75 2.41 -6.57 -0.03
CA VAL A 75 1.55 -7.27 0.90
C VAL A 75 1.26 -8.69 0.42
N PHE A 76 1.04 -9.61 1.36
CA PHE A 76 0.76 -10.99 1.03
C PHE A 76 -0.26 -11.59 2.00
N THR A 77 -1.17 -12.41 1.46
CA THR A 77 -2.19 -13.05 2.26
C THR A 77 -1.57 -14.04 3.25
N ASP A 12 -10.27 16.09 8.87
CA ASP A 12 -10.27 16.13 7.39
C ASP A 12 -10.32 14.72 6.80
N LEU A 13 -10.38 14.64 5.48
CA LEU A 13 -10.41 13.35 4.79
C LEU A 13 -9.83 13.46 3.38
N ALA A 14 -8.60 13.00 3.22
CA ALA A 14 -7.94 13.04 1.92
C ALA A 14 -7.80 14.48 1.42
N VAL A 15 -7.03 14.65 0.35
CA VAL A 15 -6.81 15.98 -0.22
C VAL A 15 -6.47 15.88 -1.70
N GLN A 16 -5.50 15.03 -2.02
CA GLN A 16 -5.08 14.85 -3.40
C GLN A 16 -4.76 13.38 -3.68
N GLU A 17 -4.15 13.12 -4.84
CA GLU A 17 -3.79 11.76 -5.23
C GLU A 17 -2.36 11.43 -4.81
N ILE A 18 -2.03 10.15 -4.79
CA ILE A 18 -0.71 9.70 -4.41
C ILE A 18 -0.20 8.63 -5.37
N PHE A 19 1.11 8.54 -5.50
CA PHE A 19 1.73 7.56 -6.38
C PHE A 19 2.64 6.63 -5.58
N VAL A 20 2.58 5.34 -5.89
CA VAL A 20 3.40 4.36 -5.19
C VAL A 20 4.03 3.37 -6.17
N PHE A 21 5.01 2.61 -5.67
CA PHE A 21 5.70 1.63 -6.48
C PHE A 21 5.72 0.27 -5.78
N THR A 22 5.67 -0.80 -6.57
CA THR A 22 5.66 -2.14 -6.04
C THR A 22 6.82 -2.95 -6.61
N PRO A 23 7.27 -4.00 -5.89
CA PRO A 23 8.37 -4.86 -6.32
C PRO A 23 8.22 -5.30 -7.77
N LYS A 24 6.98 -5.36 -8.24
CA LYS A 24 6.69 -5.77 -9.61
C LYS A 24 7.11 -4.70 -10.62
N GLY A 25 7.19 -3.46 -10.15
CA GLY A 25 7.59 -2.36 -11.02
C GLY A 25 6.42 -1.47 -11.39
N ASP A 26 5.22 -2.02 -11.38
CA ASP A 26 4.03 -1.26 -11.73
C ASP A 26 3.72 -0.18 -10.69
N VAL A 27 3.31 0.98 -11.16
CA VAL A 27 2.98 2.09 -10.28
C VAL A 27 1.50 2.12 -9.95
N ILE A 28 1.17 2.37 -8.69
CA ILE A 28 -0.22 2.41 -8.25
C ILE A 28 -0.59 3.77 -7.67
N THR A 29 -1.77 4.26 -8.03
CA THR A 29 -2.24 5.54 -7.54
C THR A 29 -3.19 5.34 -6.36
N LEU A 30 -2.96 6.07 -5.27
CA LEU A 30 -3.80 5.96 -4.09
C LEU A 30 -4.07 7.34 -3.48
N PRO A 31 -5.25 7.50 -2.84
CA PRO A 31 -5.62 8.77 -2.20
C PRO A 31 -4.75 9.10 -1.01
N THR A 32 -4.68 10.38 -0.67
CA THR A 32 -3.88 10.85 0.46
C THR A 32 -4.20 10.07 1.73
N GLY A 33 -3.16 9.63 2.44
CA GLY A 33 -3.36 8.88 3.66
C GLY A 33 -3.74 7.44 3.41
N SER A 34 -3.30 6.90 2.27
CA SER A 34 -3.60 5.53 1.91
C SER A 34 -2.84 4.55 2.80
N THR A 35 -3.34 3.32 2.87
CA THR A 35 -2.71 2.29 3.68
C THR A 35 -2.43 1.03 2.85
N PRO A 36 -1.57 0.14 3.36
CA PRO A 36 -1.23 -1.10 2.66
C PRO A 36 -2.46 -1.91 2.27
N VAL A 37 -3.51 -1.81 3.07
CA VAL A 37 -4.76 -2.52 2.79
C VAL A 37 -5.31 -2.16 1.42
N ASP A 38 -5.28 -0.87 1.09
CA ASP A 38 -5.77 -0.40 -0.19
C ASP A 38 -4.96 -0.99 -1.33
N PHE A 39 -3.64 -0.88 -1.23
CA PHE A 39 -2.74 -1.41 -2.25
C PHE A 39 -2.97 -2.89 -2.47
N ALA A 40 -3.10 -3.63 -1.37
CA ALA A 40 -3.33 -5.07 -1.44
C ALA A 40 -4.63 -5.39 -2.18
N TYR A 41 -5.71 -4.75 -1.75
CA TYR A 41 -7.01 -4.95 -2.37
C TYR A 41 -6.97 -4.63 -3.87
N ALA A 42 -6.23 -3.59 -4.22
CA ALA A 42 -6.11 -3.18 -5.61
C ALA A 42 -5.36 -4.23 -6.42
N VAL A 43 -4.25 -4.72 -5.86
CA VAL A 43 -3.45 -5.73 -6.52
C VAL A 43 -4.07 -7.11 -6.36
N HIS A 44 -3.95 -7.65 -5.15
CA HIS A 44 -4.50 -8.97 -4.84
C HIS A 44 -5.75 -8.85 -3.99
N THR A 45 -6.89 -9.24 -4.56
CA THR A 45 -8.16 -9.17 -3.85
C THR A 45 -8.08 -9.95 -2.54
N GLU A 46 -7.30 -11.02 -2.55
CA GLU A 46 -7.13 -11.86 -1.36
C GLU A 46 -6.39 -11.09 -0.27
N VAL A 47 -5.20 -10.58 -0.60
CA VAL A 47 -4.40 -9.84 0.36
C VAL A 47 -5.19 -8.67 0.96
N GLY A 48 -5.91 -7.95 0.10
CA GLY A 48 -6.71 -6.84 0.56
C GLY A 48 -7.87 -7.27 1.45
N HIS A 49 -8.54 -8.34 1.05
CA HIS A 49 -9.66 -8.85 1.82
C HIS A 49 -9.23 -9.25 3.23
N ARG A 50 -8.08 -9.89 3.33
CA ARG A 50 -7.56 -10.34 4.62
C ARG A 50 -6.07 -10.05 4.73
N CYS A 51 -5.70 -8.77 4.67
CA CYS A 51 -4.30 -8.38 4.77
C CYS A 51 -3.74 -8.71 6.15
N ILE A 52 -2.56 -9.34 6.18
CA ILE A 52 -1.93 -9.71 7.44
C ILE A 52 -0.66 -8.90 7.69
N GLY A 53 0.21 -8.83 6.68
CA GLY A 53 1.44 -8.09 6.83
C GLY A 53 1.79 -7.28 5.59
N ALA A 54 2.72 -6.34 5.77
CA ALA A 54 3.16 -5.49 4.69
C ALA A 54 4.60 -5.02 4.92
N ARG A 55 5.33 -4.79 3.83
CA ARG A 55 6.71 -4.34 3.93
C ARG A 55 6.93 -3.06 3.14
N VAL A 56 7.65 -2.11 3.74
CA VAL A 56 7.93 -0.83 3.11
C VAL A 56 9.43 -0.60 3.01
N ASN A 57 9.90 -0.26 1.81
CA ASN A 57 11.32 0.00 1.59
C ASN A 57 12.19 -1.19 2.02
N GLY A 58 11.71 -2.40 1.74
CA GLY A 58 12.45 -3.59 2.10
C GLY A 58 12.30 -4.01 3.55
N ARG A 59 11.75 -3.13 4.39
CA ARG A 59 11.56 -3.44 5.79
C ARG A 59 10.11 -3.79 6.10
N LEU A 60 9.91 -4.60 7.14
CA LEU A 60 8.57 -5.01 7.54
C LEU A 60 7.80 -3.84 8.14
N VAL A 61 6.49 -3.86 8.00
CA VAL A 61 5.64 -2.81 8.54
C VAL A 61 4.27 -3.33 8.95
N ALA A 62 3.58 -2.58 9.80
CA ALA A 62 2.27 -2.96 10.28
C ALA A 62 1.20 -2.67 9.23
N LEU A 63 0.02 -3.23 9.45
CA LEU A 63 -1.10 -3.04 8.52
C LEU A 63 -1.61 -1.60 8.56
N GLU A 64 -1.49 -0.97 9.72
CA GLU A 64 -1.94 0.39 9.91
C GLU A 64 -0.87 1.41 9.51
N ARG A 65 0.23 0.92 8.93
CA ARG A 65 1.32 1.79 8.52
C ARG A 65 0.91 2.65 7.32
N LYS A 66 1.05 3.96 7.47
CA LYS A 66 0.69 4.89 6.41
C LYS A 66 1.63 4.75 5.22
N LEU A 67 1.07 4.65 4.01
CA LEU A 67 1.87 4.51 2.81
C LEU A 67 2.62 5.79 2.48
N GLU A 68 3.62 5.68 1.61
CA GLU A 68 4.42 6.82 1.21
C GLU A 68 4.43 6.96 -0.30
N ASN A 69 4.39 8.20 -0.78
CA ASN A 69 4.41 8.48 -2.21
C ASN A 69 5.75 8.12 -2.84
N GLY A 70 5.75 7.11 -3.70
CA GLY A 70 6.97 6.68 -4.35
C GLY A 70 7.68 5.57 -3.61
N GLU A 71 7.33 5.37 -2.34
CA GLU A 71 7.94 4.33 -1.54
C GLU A 71 7.48 2.95 -1.98
N VAL A 72 8.35 1.96 -1.82
CA VAL A 72 8.03 0.60 -2.21
C VAL A 72 7.29 -0.13 -1.10
N VAL A 73 5.99 -0.36 -1.31
CA VAL A 73 5.18 -1.04 -0.32
C VAL A 73 4.80 -2.44 -0.78
N GLU A 74 4.71 -3.36 0.19
CA GLU A 74 4.36 -4.74 -0.09
C GLU A 74 3.28 -5.22 0.86
N VAL A 75 2.49 -6.19 0.43
CA VAL A 75 1.42 -6.73 1.25
C VAL A 75 1.40 -8.25 1.20
N PHE A 76 0.92 -8.87 2.28
CA PHE A 76 0.83 -10.31 2.36
C PHE A 76 -0.43 -10.74 3.11
N THR A 77 -1.26 -11.55 2.44
CA THR A 77 -2.49 -12.03 3.03
C THR A 77 -2.20 -12.91 4.24
N ASP A 12 -11.91 24.39 -0.24
CA ASP A 12 -10.71 25.10 -0.77
C ASP A 12 -10.01 24.27 -1.83
N LEU A 13 -8.88 24.76 -2.30
CA LEU A 13 -8.10 24.05 -3.32
C LEU A 13 -7.13 23.06 -2.68
N ALA A 14 -7.58 21.83 -2.52
CA ALA A 14 -6.74 20.79 -1.92
C ALA A 14 -7.40 19.42 -2.07
N VAL A 15 -6.57 18.40 -2.26
CA VAL A 15 -7.06 17.03 -2.42
C VAL A 15 -6.31 16.07 -1.50
N GLN A 16 -6.99 14.99 -1.11
CA GLN A 16 -6.39 13.99 -0.23
C GLN A 16 -6.04 12.73 -1.01
N GLU A 17 -5.06 12.85 -1.90
CA GLU A 17 -4.63 11.71 -2.71
C GLU A 17 -3.16 11.37 -2.43
N ILE A 18 -2.76 10.16 -2.81
CA ILE A 18 -1.40 9.72 -2.60
C ILE A 18 -0.90 8.86 -3.76
N PHE A 19 0.41 8.82 -3.95
CA PHE A 19 1.00 8.03 -5.01
C PHE A 19 2.03 7.06 -4.44
N VAL A 20 2.03 5.84 -4.95
CA VAL A 20 2.96 4.82 -4.50
C VAL A 20 3.40 3.92 -5.65
N PHE A 21 4.45 3.15 -5.40
CA PHE A 21 4.98 2.24 -6.41
C PHE A 21 5.14 0.84 -5.85
N THR A 22 5.03 -0.15 -6.72
CA THR A 22 5.16 -1.55 -6.34
C THR A 22 6.47 -2.13 -6.86
N PRO A 23 7.00 -3.17 -6.19
CA PRO A 23 8.26 -3.80 -6.60
C PRO A 23 8.31 -4.10 -8.09
N LYS A 24 7.14 -4.27 -8.70
CA LYS A 24 7.05 -4.55 -10.13
C LYS A 24 7.25 -3.29 -10.96
N GLY A 25 6.99 -2.14 -10.35
CA GLY A 25 7.16 -0.87 -11.05
C GLY A 25 5.85 -0.13 -11.24
N ASP A 26 4.73 -0.86 -11.19
CA ASP A 26 3.41 -0.26 -11.36
C ASP A 26 3.15 0.80 -10.29
N VAL A 27 2.54 1.91 -10.70
CA VAL A 27 2.21 2.99 -9.79
C VAL A 27 0.76 2.91 -9.33
N ILE A 28 0.55 3.05 -8.03
CA ILE A 28 -0.79 2.97 -7.46
C ILE A 28 -1.15 4.26 -6.72
N THR A 29 -2.38 4.73 -6.92
CA THR A 29 -2.86 5.94 -6.27
C THR A 29 -3.85 5.60 -5.17
N LEU A 30 -3.60 6.13 -3.97
CA LEU A 30 -4.48 5.87 -2.84
C LEU A 30 -4.70 7.14 -2.01
N PRO A 31 -5.87 7.27 -1.38
CA PRO A 31 -6.21 8.43 -0.55
C PRO A 31 -5.33 8.54 0.69
N THR A 32 -5.22 9.75 1.22
CA THR A 32 -4.41 10.00 2.41
C THR A 32 -4.77 9.03 3.54
N GLY A 33 -3.76 8.53 4.23
CA GLY A 33 -3.99 7.61 5.32
C GLY A 33 -4.24 6.20 4.83
N SER A 34 -3.69 5.86 3.68
CA SER A 34 -3.86 4.54 3.09
C SER A 34 -3.15 3.48 3.93
N THR A 35 -3.63 2.24 3.84
CA THR A 35 -3.06 1.14 4.58
C THR A 35 -2.70 -0.02 3.64
N PRO A 36 -1.90 -0.99 4.12
CA PRO A 36 -1.50 -2.15 3.32
C PRO A 36 -2.70 -3.00 2.90
N VAL A 37 -3.72 -3.04 3.74
CA VAL A 37 -4.92 -3.81 3.46
C VAL A 37 -5.59 -3.35 2.17
N ASP A 38 -5.73 -2.04 2.02
CA ASP A 38 -6.35 -1.46 0.84
C ASP A 38 -5.51 -1.77 -0.40
N PHE A 39 -4.21 -1.51 -0.31
CA PHE A 39 -3.31 -1.76 -1.43
C PHE A 39 -3.34 -3.22 -1.85
N ALA A 40 -3.35 -4.12 -0.86
CA ALA A 40 -3.39 -5.55 -1.12
C ALA A 40 -4.67 -5.93 -1.85
N TYR A 41 -5.81 -5.51 -1.32
CA TYR A 41 -7.10 -5.81 -1.93
C TYR A 41 -7.16 -5.27 -3.35
N ALA A 42 -6.55 -4.11 -3.57
CA ALA A 42 -6.54 -3.50 -4.89
C ALA A 42 -5.71 -4.33 -5.86
N VAL A 43 -4.55 -4.78 -5.41
CA VAL A 43 -3.67 -5.59 -6.24
C VAL A 43 -4.14 -7.04 -6.27
N HIS A 44 -3.93 -7.73 -5.16
CA HIS A 44 -4.33 -9.13 -5.04
C HIS A 44 -5.54 -9.25 -4.13
N THR A 45 -6.65 -9.73 -4.69
CA THR A 45 -7.88 -9.89 -3.93
C THR A 45 -7.64 -10.82 -2.74
N GLU A 46 -6.79 -11.82 -2.94
CA GLU A 46 -6.47 -12.78 -1.89
C GLU A 46 -5.73 -12.12 -0.74
N VAL A 47 -4.61 -11.47 -1.06
CA VAL A 47 -3.81 -10.79 -0.05
C VAL A 47 -4.66 -9.78 0.73
N GLY A 48 -5.51 -9.05 0.01
CA GLY A 48 -6.36 -8.07 0.66
C GLY A 48 -7.40 -8.71 1.56
N HIS A 49 -7.98 -9.81 1.10
CA HIS A 49 -9.00 -10.51 1.87
C HIS A 49 -8.44 -11.02 3.19
N ARG A 50 -7.24 -11.61 3.12
CA ARG A 50 -6.59 -12.15 4.32
C ARG A 50 -5.11 -11.78 4.35
N CYS A 51 -4.83 -10.47 4.41
CA CYS A 51 -3.46 -9.99 4.45
C CYS A 51 -2.77 -10.45 5.74
N ILE A 52 -1.54 -10.93 5.61
CA ILE A 52 -0.78 -11.40 6.77
C ILE A 52 0.39 -10.46 7.09
N GLY A 53 1.18 -10.15 6.07
CA GLY A 53 2.33 -9.28 6.28
C GLY A 53 2.54 -8.30 5.14
N ALA A 54 3.39 -7.31 5.36
CA ALA A 54 3.69 -6.32 4.35
C ALA A 54 5.09 -5.74 4.54
N ARG A 55 5.77 -5.45 3.44
CA ARG A 55 7.12 -4.90 3.50
C ARG A 55 7.19 -3.57 2.74
N VAL A 56 7.86 -2.59 3.35
CA VAL A 56 8.02 -1.29 2.74
C VAL A 56 9.49 -0.90 2.64
N ASN A 57 9.90 -0.45 1.46
CA ASN A 57 11.29 -0.05 1.24
C ASN A 57 12.26 -1.17 1.58
N GLY A 58 11.88 -2.40 1.22
CA GLY A 58 12.74 -3.54 1.48
C GLY A 58 12.66 -4.07 2.90
N ARG A 59 12.07 -3.30 3.81
CA ARG A 59 11.96 -3.71 5.20
C ARG A 59 10.54 -4.17 5.54
N LEU A 60 10.43 -5.05 6.53
CA LEU A 60 9.14 -5.56 6.96
C LEU A 60 8.34 -4.49 7.69
N VAL A 61 7.01 -4.57 7.61
CA VAL A 61 6.14 -3.61 8.26
C VAL A 61 4.87 -4.26 8.77
N ALA A 62 4.21 -3.59 9.72
CA ALA A 62 2.97 -4.11 10.29
C ALA A 62 1.77 -3.77 9.40
N LEU A 63 0.71 -4.54 9.56
CA LEU A 63 -0.51 -4.33 8.77
C LEU A 63 -1.16 -2.99 9.11
N GLU A 64 -0.87 -2.49 10.31
CA GLU A 64 -1.44 -1.23 10.77
C GLU A 64 -0.58 -0.03 10.32
N ARG A 65 0.61 -0.32 9.78
CA ARG A 65 1.50 0.73 9.33
C ARG A 65 0.96 1.42 8.08
N LYS A 66 0.82 2.74 8.15
CA LYS A 66 0.30 3.51 7.02
C LYS A 66 1.29 3.50 5.86
N LEU A 67 0.76 3.47 4.64
CA LEU A 67 1.59 3.45 3.44
C LEU A 67 2.29 4.80 3.25
N GLU A 68 3.37 4.79 2.47
CA GLU A 68 4.13 6.00 2.18
C GLU A 68 3.98 6.42 0.73
N ASN A 69 4.05 7.72 0.49
CA ASN A 69 3.92 8.26 -0.86
C ASN A 69 5.23 8.12 -1.63
N GLY A 70 5.21 7.29 -2.67
CA GLY A 70 6.40 7.09 -3.48
C GLY A 70 7.23 5.91 -3.03
N GLU A 71 6.99 5.45 -1.80
CA GLU A 71 7.72 4.32 -1.25
C GLU A 71 7.20 3.01 -1.84
N VAL A 72 8.05 1.99 -1.85
CA VAL A 72 7.68 0.69 -2.39
C VAL A 72 6.97 -0.15 -1.32
N VAL A 73 5.67 -0.33 -1.48
CA VAL A 73 4.88 -1.10 -0.54
C VAL A 73 4.69 -2.54 -1.01
N GLU A 74 4.71 -3.47 -0.07
CA GLU A 74 4.53 -4.88 -0.39
C GLU A 74 3.63 -5.56 0.64
N VAL A 75 2.83 -6.52 0.19
CA VAL A 75 1.94 -7.24 1.08
C VAL A 75 1.77 -8.69 0.62
N PHE A 76 1.59 -9.59 1.60
CA PHE A 76 1.43 -11.00 1.30
C PHE A 76 0.42 -11.65 2.24
N THR A 77 -0.40 -12.55 1.68
CA THR A 77 -1.40 -13.25 2.46
C THR A 77 -0.75 -14.20 3.47
N ASP A 12 -13.36 12.25 0.19
CA ASP A 12 -12.14 12.72 0.89
C ASP A 12 -11.20 13.45 -0.07
N LEU A 13 -11.41 14.75 -0.21
CA LEU A 13 -10.58 15.57 -1.09
C LEU A 13 -10.25 16.90 -0.44
N ALA A 14 -8.98 17.30 -0.55
CA ALA A 14 -8.54 18.57 0.02
C ALA A 14 -7.09 18.86 -0.37
N VAL A 15 -6.78 18.65 -1.64
CA VAL A 15 -5.43 18.89 -2.14
C VAL A 15 -4.41 17.99 -1.45
N GLN A 16 -4.84 16.79 -1.08
CA GLN A 16 -3.98 15.83 -0.41
C GLN A 16 -4.07 14.46 -1.07
N GLU A 17 -3.04 14.10 -1.83
CA GLU A 17 -3.01 12.82 -2.53
C GLU A 17 -1.74 12.06 -2.20
N ILE A 18 -1.74 10.76 -2.47
CA ILE A 18 -0.59 9.91 -2.21
C ILE A 18 -0.26 9.05 -3.42
N PHE A 19 1.02 8.72 -3.58
CA PHE A 19 1.47 7.90 -4.69
C PHE A 19 2.40 6.81 -4.20
N VAL A 20 2.25 5.61 -4.73
CA VAL A 20 3.08 4.49 -4.34
C VAL A 20 3.55 3.70 -5.55
N PHE A 21 4.54 2.83 -5.33
CA PHE A 21 5.08 2.01 -6.40
C PHE A 21 5.12 0.54 -5.99
N THR A 22 4.90 -0.34 -6.96
CA THR A 22 4.90 -1.76 -6.72
C THR A 22 6.21 -2.40 -7.20
N PRO A 23 6.65 -3.49 -6.54
CA PRO A 23 7.88 -4.18 -6.91
C PRO A 23 7.96 -4.48 -8.41
N LYS A 24 6.80 -4.57 -9.05
CA LYS A 24 6.74 -4.85 -10.49
C LYS A 24 7.07 -3.60 -11.29
N GLY A 25 6.88 -2.43 -10.69
CA GLY A 25 7.16 -1.18 -11.37
C GLY A 25 5.94 -0.30 -11.53
N ASP A 26 4.76 -0.93 -11.59
CA ASP A 26 3.50 -0.20 -11.73
C ASP A 26 3.28 0.75 -10.57
N VAL A 27 2.85 1.97 -10.88
CA VAL A 27 2.60 2.98 -9.85
C VAL A 27 1.13 3.02 -9.48
N ILE A 28 0.85 3.07 -8.17
CA ILE A 28 -0.53 3.11 -7.69
C ILE A 28 -0.78 4.37 -6.86
N THR A 29 -1.81 5.11 -7.23
CA THR A 29 -2.18 6.33 -6.53
C THR A 29 -3.20 6.06 -5.44
N LEU A 30 -2.96 6.61 -4.25
CA LEU A 30 -3.87 6.41 -3.13
C LEU A 30 -4.06 7.71 -2.35
N PRO A 31 -5.25 7.89 -1.74
CA PRO A 31 -5.56 9.08 -0.96
C PRO A 31 -4.76 9.15 0.33
N THR A 32 -4.60 10.36 0.86
CA THR A 32 -3.86 10.57 2.11
C THR A 32 -4.37 9.65 3.21
N GLY A 33 -3.44 9.05 3.95
CA GLY A 33 -3.81 8.15 5.02
C GLY A 33 -4.03 6.73 4.54
N SER A 34 -3.45 6.40 3.39
CA SER A 34 -3.60 5.06 2.83
C SER A 34 -2.82 4.03 3.63
N THR A 35 -3.31 2.80 3.63
CA THR A 35 -2.67 1.72 4.37
C THR A 35 -2.42 0.53 3.45
N PRO A 36 -1.56 -0.42 3.88
CA PRO A 36 -1.24 -1.61 3.10
C PRO A 36 -2.49 -2.40 2.71
N VAL A 37 -3.51 -2.35 3.57
CA VAL A 37 -4.76 -3.05 3.30
C VAL A 37 -5.39 -2.59 1.99
N ASP A 38 -5.44 -1.27 1.81
CA ASP A 38 -6.01 -0.70 0.60
C ASP A 38 -5.20 -1.11 -0.63
N PHE A 39 -3.88 -0.95 -0.55
CA PHE A 39 -3.00 -1.31 -1.65
C PHE A 39 -3.14 -2.78 -2.00
N ALA A 40 -3.26 -3.62 -0.97
CA ALA A 40 -3.42 -5.05 -1.17
C ALA A 40 -4.71 -5.36 -1.92
N TYR A 41 -5.81 -4.83 -1.43
CA TYR A 41 -7.11 -5.04 -2.05
C TYR A 41 -7.11 -4.57 -3.50
N ALA A 42 -6.43 -3.46 -3.75
CA ALA A 42 -6.36 -2.91 -5.10
C ALA A 42 -5.56 -3.82 -6.02
N VAL A 43 -4.43 -4.31 -5.53
CA VAL A 43 -3.58 -5.19 -6.31
C VAL A 43 -4.12 -6.62 -6.28
N HIS A 44 -3.97 -7.28 -5.14
CA HIS A 44 -4.43 -8.64 -4.96
C HIS A 44 -5.69 -8.68 -4.11
N THR A 45 -6.82 -9.06 -4.71
CA THR A 45 -8.08 -9.12 -3.99
C THR A 45 -7.95 -10.03 -2.75
N GLU A 46 -7.14 -11.07 -2.87
CA GLU A 46 -6.93 -12.00 -1.78
C GLU A 46 -6.19 -11.34 -0.63
N VAL A 47 -5.03 -10.74 -0.94
CA VAL A 47 -4.23 -10.06 0.08
C VAL A 47 -5.05 -9.01 0.80
N GLY A 48 -5.88 -8.29 0.05
CA GLY A 48 -6.71 -7.25 0.64
C GLY A 48 -7.81 -7.83 1.49
N HIS A 49 -8.41 -8.91 1.03
CA HIS A 49 -9.50 -9.56 1.76
C HIS A 49 -9.02 -10.04 3.14
N ARG A 50 -7.85 -10.68 3.16
CA ARG A 50 -7.29 -11.19 4.40
C ARG A 50 -5.79 -10.89 4.50
N CYS A 51 -5.45 -9.61 4.48
CA CYS A 51 -4.06 -9.18 4.57
C CYS A 51 -3.46 -9.56 5.92
N ILE A 52 -2.25 -10.09 5.90
CA ILE A 52 -1.58 -10.49 7.12
C ILE A 52 -0.34 -9.63 7.39
N GLY A 53 0.47 -9.42 6.35
CA GLY A 53 1.66 -8.61 6.50
C GLY A 53 1.99 -7.80 5.27
N ALA A 54 2.87 -6.81 5.43
CA ALA A 54 3.27 -5.96 4.33
C ALA A 54 4.68 -5.42 4.55
N ARG A 55 5.44 -5.31 3.48
CA ARG A 55 6.81 -4.81 3.57
C ARG A 55 7.00 -3.60 2.66
N VAL A 56 7.66 -2.58 3.18
CA VAL A 56 7.91 -1.36 2.43
C VAL A 56 9.39 -0.96 2.52
N ASN A 57 9.95 -0.55 1.38
CA ASN A 57 11.35 -0.15 1.31
C ASN A 57 12.28 -1.24 1.83
N GLY A 58 11.97 -2.49 1.46
CA GLY A 58 12.81 -3.60 1.87
C GLY A 58 12.70 -3.94 3.35
N ARG A 59 11.70 -3.39 4.02
CA ARG A 59 11.52 -3.64 5.44
C ARG A 59 10.06 -4.00 5.76
N LEU A 60 9.88 -4.96 6.66
CA LEU A 60 8.54 -5.39 7.05
C LEU A 60 7.83 -4.31 7.86
N VAL A 61 6.50 -4.28 7.76
CA VAL A 61 5.71 -3.30 8.48
C VAL A 61 4.34 -3.86 8.86
N ALA A 62 3.70 -3.22 9.84
CA ALA A 62 2.38 -3.65 10.28
C ALA A 62 1.30 -3.22 9.30
N LEU A 63 0.16 -3.89 9.35
CA LEU A 63 -0.95 -3.57 8.46
C LEU A 63 -1.51 -2.17 8.75
N GLU A 64 -1.26 -1.68 9.96
CA GLU A 64 -1.74 -0.36 10.34
C GLU A 64 -0.73 0.74 9.96
N ARG A 65 0.44 0.33 9.48
CA ARG A 65 1.47 1.27 9.07
C ARG A 65 1.06 2.02 7.82
N LYS A 66 1.10 3.35 7.88
CA LYS A 66 0.73 4.18 6.75
C LYS A 66 1.70 3.98 5.58
N LEU A 67 1.16 3.96 4.37
CA LEU A 67 1.98 3.77 3.17
C LEU A 67 2.85 5.00 2.90
N GLU A 68 3.97 4.78 2.22
CA GLU A 68 4.89 5.85 1.89
C GLU A 68 4.60 6.42 0.51
N ASN A 69 5.20 7.57 0.20
CA ASN A 69 4.99 8.22 -1.08
C ASN A 69 6.13 7.92 -2.05
N GLY A 70 5.92 6.95 -2.93
CA GLY A 70 6.94 6.59 -3.90
C GLY A 70 7.72 5.36 -3.52
N GLU A 71 7.67 4.98 -2.25
CA GLU A 71 8.38 3.81 -1.78
C GLU A 71 7.74 2.53 -2.29
N VAL A 72 8.51 1.45 -2.33
CA VAL A 72 8.02 0.17 -2.80
C VAL A 72 7.34 -0.60 -1.67
N VAL A 73 6.02 -0.69 -1.72
CA VAL A 73 5.25 -1.39 -0.71
C VAL A 73 4.84 -2.78 -1.18
N GLU A 74 4.71 -3.70 -0.23
CA GLU A 74 4.32 -5.07 -0.54
C GLU A 74 3.33 -5.58 0.51
N VAL A 75 2.47 -6.51 0.10
CA VAL A 75 1.48 -7.08 0.99
C VAL A 75 1.30 -8.57 0.75
N PHE A 76 1.03 -9.32 1.82
CA PHE A 76 0.83 -10.75 1.71
C PHE A 76 -0.27 -11.22 2.66
N THR A 77 -1.16 -12.06 2.14
CA THR A 77 -2.26 -12.60 2.92
C THR A 77 -1.74 -13.52 4.03
N ASP A 12 -12.02 24.02 -4.52
CA ASP A 12 -10.56 23.81 -4.65
C ASP A 12 -10.01 23.05 -3.46
N LEU A 13 -8.74 22.63 -3.56
CA LEU A 13 -8.08 21.89 -2.50
C LEU A 13 -8.97 20.77 -1.96
N ALA A 14 -9.71 20.12 -2.86
CA ALA A 14 -10.60 19.03 -2.48
C ALA A 14 -9.81 17.80 -2.05
N VAL A 15 -9.24 17.87 -0.85
CA VAL A 15 -8.46 16.75 -0.32
C VAL A 15 -7.26 16.46 -1.21
N GLN A 16 -6.23 15.85 -0.62
CA GLN A 16 -5.01 15.51 -1.35
C GLN A 16 -4.90 14.00 -1.55
N GLU A 17 -4.10 13.61 -2.53
CA GLU A 17 -3.90 12.19 -2.83
C GLU A 17 -2.44 11.79 -2.62
N ILE A 18 -2.20 10.48 -2.50
CA ILE A 18 -0.87 9.97 -2.30
C ILE A 18 -0.43 9.09 -3.46
N PHE A 19 0.87 8.92 -3.61
CA PHE A 19 1.42 8.11 -4.69
C PHE A 19 2.32 7.01 -4.11
N VAL A 20 2.20 5.81 -4.65
CA VAL A 20 3.00 4.69 -4.18
C VAL A 20 3.50 3.84 -5.34
N PHE A 21 4.46 2.96 -5.05
CA PHE A 21 5.03 2.09 -6.05
C PHE A 21 5.03 0.64 -5.57
N THR A 22 5.30 -0.28 -6.48
CA THR A 22 5.32 -1.70 -6.15
C THR A 22 6.42 -2.43 -6.93
N PRO A 23 6.92 -3.54 -6.38
CA PRO A 23 7.98 -4.33 -7.02
C PRO A 23 7.69 -4.62 -8.49
N LYS A 24 6.41 -4.61 -8.84
CA LYS A 24 5.99 -4.87 -10.21
C LYS A 24 6.33 -3.69 -11.13
N GLY A 25 6.46 -2.51 -10.54
CA GLY A 25 6.79 -1.33 -11.31
C GLY A 25 5.56 -0.52 -11.69
N ASP A 26 4.53 -0.60 -10.87
CA ASP A 26 3.29 0.12 -11.12
C ASP A 26 3.02 1.15 -10.02
N VAL A 27 2.60 2.34 -10.42
CA VAL A 27 2.29 3.40 -9.48
C VAL A 27 0.82 3.41 -9.11
N ILE A 28 0.54 3.44 -7.81
CA ILE A 28 -0.84 3.46 -7.31
C ILE A 28 -1.12 4.71 -6.49
N THR A 29 -2.27 5.33 -6.74
CA THR A 29 -2.67 6.51 -6.01
C THR A 29 -3.64 6.17 -4.89
N LEU A 30 -3.35 6.64 -3.69
CA LEU A 30 -4.19 6.38 -2.54
C LEU A 30 -4.36 7.62 -1.67
N PRO A 31 -5.51 7.76 -0.99
CA PRO A 31 -5.78 8.90 -0.12
C PRO A 31 -4.85 8.94 1.08
N THR A 32 -4.70 10.13 1.66
CA THR A 32 -3.82 10.31 2.82
C THR A 32 -4.16 9.31 3.91
N GLY A 33 -3.12 8.69 4.47
CA GLY A 33 -3.31 7.71 5.53
C GLY A 33 -3.71 6.35 4.99
N SER A 34 -3.32 6.07 3.74
CA SER A 34 -3.62 4.80 3.11
C SER A 34 -2.85 3.65 3.77
N THR A 35 -3.58 2.63 4.20
CA THR A 35 -2.98 1.48 4.84
C THR A 35 -2.63 0.41 3.81
N PRO A 36 -1.81 -0.59 4.21
CA PRO A 36 -1.39 -1.67 3.31
C PRO A 36 -2.57 -2.54 2.86
N VAL A 37 -3.55 -2.70 3.75
CA VAL A 37 -4.73 -3.50 3.46
C VAL A 37 -5.45 -2.97 2.22
N ASP A 38 -5.56 -1.64 2.12
CA ASP A 38 -6.23 -1.01 0.99
C ASP A 38 -5.49 -1.31 -0.31
N PHE A 39 -4.17 -1.11 -0.29
CA PHE A 39 -3.34 -1.35 -1.46
C PHE A 39 -3.40 -2.82 -1.87
N ALA A 40 -3.24 -3.70 -0.90
CA ALA A 40 -3.28 -5.14 -1.16
C ALA A 40 -4.62 -5.55 -1.76
N TYR A 41 -5.70 -5.16 -1.09
CA TYR A 41 -7.04 -5.49 -1.54
C TYR A 41 -7.32 -4.86 -2.90
N ALA A 42 -6.79 -3.67 -3.11
CA ALA A 42 -6.97 -2.97 -4.37
C ALA A 42 -6.27 -3.70 -5.51
N VAL A 43 -5.04 -4.13 -5.25
CA VAL A 43 -4.26 -4.84 -6.24
C VAL A 43 -4.68 -6.30 -6.31
N HIS A 44 -4.31 -7.06 -5.29
CA HIS A 44 -4.64 -8.48 -5.21
C HIS A 44 -5.74 -8.72 -4.18
N THR A 45 -6.92 -9.13 -4.66
CA THR A 45 -8.05 -9.39 -3.77
C THR A 45 -7.65 -10.42 -2.71
N GLU A 46 -6.81 -11.37 -3.10
CA GLU A 46 -6.36 -12.42 -2.19
C GLU A 46 -5.48 -11.84 -1.09
N VAL A 47 -4.45 -11.10 -1.48
CA VAL A 47 -3.54 -10.49 -0.51
C VAL A 47 -4.30 -9.61 0.47
N GLY A 48 -5.26 -8.86 -0.05
CA GLY A 48 -6.04 -7.97 0.79
C GLY A 48 -7.05 -8.71 1.64
N HIS A 49 -7.56 -9.82 1.13
CA HIS A 49 -8.54 -10.63 1.84
C HIS A 49 -7.92 -11.28 3.07
N ARG A 50 -6.84 -12.04 2.86
CA ARG A 50 -6.16 -12.71 3.94
C ARG A 50 -4.75 -12.17 4.14
N CYS A 51 -4.61 -10.85 4.07
CA CYS A 51 -3.31 -10.21 4.24
C CYS A 51 -2.66 -10.65 5.54
N ILE A 52 -1.44 -11.18 5.44
CA ILE A 52 -0.70 -11.64 6.61
C ILE A 52 0.44 -10.69 6.96
N GLY A 53 1.23 -10.33 5.97
CA GLY A 53 2.35 -9.43 6.20
C GLY A 53 2.56 -8.42 5.08
N ALA A 54 3.44 -7.46 5.32
CA ALA A 54 3.74 -6.44 4.33
C ALA A 54 5.15 -5.91 4.52
N ARG A 55 5.77 -5.47 3.43
CA ARG A 55 7.12 -4.94 3.49
C ARG A 55 7.23 -3.63 2.72
N VAL A 56 7.91 -2.65 3.31
CA VAL A 56 8.09 -1.35 2.68
C VAL A 56 9.57 -1.07 2.41
N ASN A 57 9.89 -0.84 1.14
CA ASN A 57 11.27 -0.55 0.75
C ASN A 57 12.22 -1.67 1.19
N GLY A 58 11.75 -2.92 1.05
CA GLY A 58 12.58 -4.05 1.42
C GLY A 58 12.49 -4.39 2.91
N ARG A 59 11.93 -3.48 3.70
CA ARG A 59 11.81 -3.69 5.13
C ARG A 59 10.44 -4.27 5.48
N LEU A 60 10.38 -5.01 6.59
CA LEU A 60 9.12 -5.62 7.03
C LEU A 60 8.26 -4.60 7.74
N VAL A 61 6.94 -4.76 7.64
CA VAL A 61 6.02 -3.84 8.29
C VAL A 61 4.70 -4.54 8.65
N ALA A 62 3.97 -3.92 9.58
CA ALA A 62 2.70 -4.47 10.02
C ALA A 62 1.55 -3.99 9.14
N LEU A 63 0.38 -4.60 9.31
CA LEU A 63 -0.79 -4.23 8.52
C LEU A 63 -1.35 -2.88 8.97
N GLU A 64 -1.06 -2.49 10.22
CA GLU A 64 -1.54 -1.24 10.76
C GLU A 64 -0.60 -0.09 10.43
N ARG A 65 0.58 -0.40 9.90
CA ARG A 65 1.56 0.61 9.54
C ARG A 65 1.09 1.43 8.34
N LYS A 66 1.05 2.75 8.51
CA LYS A 66 0.62 3.64 7.44
C LYS A 66 1.58 3.58 6.25
N LEU A 67 1.03 3.57 5.05
CA LEU A 67 1.83 3.51 3.84
C LEU A 67 2.58 4.82 3.61
N GLU A 68 3.60 4.76 2.75
CA GLU A 68 4.40 5.94 2.45
C GLU A 68 4.18 6.39 1.01
N ASN A 69 4.51 7.65 0.73
CA ASN A 69 4.34 8.21 -0.59
C ASN A 69 5.59 8.03 -1.44
N GLY A 70 5.53 7.12 -2.41
CA GLY A 70 6.67 6.88 -3.27
C GLY A 70 7.45 5.63 -2.88
N GLU A 71 7.25 5.17 -1.65
CA GLU A 71 7.95 3.99 -1.17
C GLU A 71 7.34 2.72 -1.78
N VAL A 72 8.15 1.67 -1.86
CA VAL A 72 7.69 0.42 -2.42
C VAL A 72 7.01 -0.44 -1.36
N VAL A 73 5.68 -0.56 -1.46
CA VAL A 73 4.91 -1.33 -0.52
C VAL A 73 4.73 -2.77 -0.99
N GLU A 74 4.73 -3.70 -0.04
CA GLU A 74 4.57 -5.11 -0.35
C GLU A 74 3.56 -5.74 0.60
N VAL A 75 2.78 -6.69 0.08
CA VAL A 75 1.77 -7.37 0.88
C VAL A 75 1.62 -8.83 0.45
N PHE A 76 1.50 -9.72 1.44
CA PHE A 76 1.34 -11.13 1.16
C PHE A 76 0.39 -11.80 2.15
N THR A 77 -0.61 -12.51 1.62
CA THR A 77 -1.59 -13.18 2.45
C THR A 77 -1.01 -14.49 3.01
N ASP A 12 -12.27 22.44 1.70
CA ASP A 12 -11.15 21.74 2.37
C ASP A 12 -10.62 20.61 1.49
N LEU A 13 -9.62 20.91 0.68
CA LEU A 13 -9.02 19.92 -0.21
C LEU A 13 -7.52 19.77 0.06
N ALA A 14 -6.74 20.74 -0.41
CA ALA A 14 -5.29 20.72 -0.21
C ALA A 14 -4.69 19.41 -0.71
N VAL A 15 -5.16 18.94 -1.86
CA VAL A 15 -4.67 17.70 -2.44
C VAL A 15 -4.89 16.53 -1.50
N GLN A 16 -5.86 15.68 -1.82
CA GLN A 16 -6.17 14.51 -1.01
C GLN A 16 -5.91 13.22 -1.78
N GLU A 17 -4.81 13.20 -2.53
CA GLU A 17 -4.46 12.02 -3.32
C GLU A 17 -3.03 11.56 -3.00
N ILE A 18 -2.72 10.33 -3.37
CA ILE A 18 -1.40 9.78 -3.13
C ILE A 18 -0.99 8.81 -4.24
N PHE A 19 0.31 8.56 -4.35
CA PHE A 19 0.83 7.66 -5.36
C PHE A 19 1.81 6.67 -4.75
N VAL A 20 1.74 5.42 -5.16
CA VAL A 20 2.62 4.39 -4.64
C VAL A 20 3.19 3.53 -5.76
N PHE A 21 4.24 2.78 -5.42
CA PHE A 21 4.88 1.90 -6.38
C PHE A 21 5.03 0.49 -5.81
N THR A 22 4.93 -0.50 -6.69
CA THR A 22 5.05 -1.90 -6.27
C THR A 22 6.23 -2.57 -6.96
N PRO A 23 6.87 -3.55 -6.28
CA PRO A 23 8.01 -4.28 -6.83
C PRO A 23 7.76 -4.80 -8.25
N LYS A 24 6.49 -4.96 -8.59
CA LYS A 24 6.11 -5.45 -9.92
C LYS A 24 6.36 -4.39 -10.99
N GLY A 25 6.38 -3.14 -10.57
CA GLY A 25 6.61 -2.05 -11.51
C GLY A 25 5.33 -1.34 -11.91
N ASP A 26 4.34 -1.37 -11.01
CA ASP A 26 3.07 -0.73 -11.26
C ASP A 26 2.80 0.38 -10.25
N VAL A 27 2.24 1.49 -10.73
CA VAL A 27 1.93 2.62 -9.87
C VAL A 27 0.46 2.63 -9.47
N ILE A 28 0.20 2.74 -8.18
CA ILE A 28 -1.17 2.75 -7.67
C ILE A 28 -1.48 4.04 -6.92
N THR A 29 -2.55 4.72 -7.34
CA THR A 29 -2.96 5.97 -6.71
C THR A 29 -3.98 5.71 -5.61
N LEU A 30 -3.72 6.25 -4.43
CA LEU A 30 -4.61 6.08 -3.29
C LEU A 30 -4.77 7.38 -2.52
N PRO A 31 -5.95 7.59 -1.89
CA PRO A 31 -6.22 8.80 -1.11
C PRO A 31 -5.36 8.87 0.15
N THR A 32 -5.19 10.09 0.66
CA THR A 32 -4.39 10.31 1.86
C THR A 32 -4.86 9.42 3.01
N GLY A 33 -3.92 8.78 3.69
CA GLY A 33 -4.25 7.92 4.80
C GLY A 33 -4.50 6.49 4.37
N SER A 34 -3.90 6.08 3.27
CA SER A 34 -4.06 4.73 2.75
C SER A 34 -3.30 3.72 3.61
N THR A 35 -3.78 2.48 3.62
CA THR A 35 -3.15 1.43 4.41
C THR A 35 -2.85 0.22 3.53
N PRO A 36 -1.92 -0.65 3.98
CA PRO A 36 -1.54 -1.85 3.24
C PRO A 36 -2.73 -2.63 2.73
N VAL A 37 -3.84 -2.58 3.46
CA VAL A 37 -5.05 -3.29 3.08
C VAL A 37 -5.54 -2.84 1.71
N ASP A 38 -5.57 -1.52 1.49
CA ASP A 38 -6.02 -0.97 0.22
C ASP A 38 -5.10 -1.40 -0.92
N PHE A 39 -3.80 -1.23 -0.72
CA PHE A 39 -2.82 -1.60 -1.73
C PHE A 39 -2.86 -3.09 -2.01
N ALA A 40 -2.95 -3.90 -0.96
CA ALA A 40 -2.99 -5.35 -1.10
C ALA A 40 -4.21 -5.78 -1.92
N TYR A 41 -5.38 -5.30 -1.52
CA TYR A 41 -6.62 -5.65 -2.22
C TYR A 41 -6.57 -5.18 -3.67
N ALA A 42 -5.99 -4.00 -3.88
CA ALA A 42 -5.87 -3.44 -5.22
C ALA A 42 -4.92 -4.26 -6.07
N VAL A 43 -3.78 -4.64 -5.50
CA VAL A 43 -2.79 -5.43 -6.20
C VAL A 43 -3.19 -6.90 -6.22
N HIS A 44 -3.05 -7.55 -5.07
CA HIS A 44 -3.39 -8.96 -4.94
C HIS A 44 -4.70 -9.14 -4.18
N THR A 45 -5.74 -9.58 -4.88
CA THR A 45 -7.04 -9.80 -4.26
C THR A 45 -6.92 -10.73 -3.06
N GLU A 46 -5.99 -11.69 -3.15
CA GLU A 46 -5.77 -12.64 -2.08
C GLU A 46 -5.18 -11.95 -0.85
N VAL A 47 -4.08 -11.22 -1.06
CA VAL A 47 -3.43 -10.50 0.04
C VAL A 47 -4.40 -9.56 0.73
N GLY A 48 -5.22 -8.87 -0.06
CA GLY A 48 -6.19 -7.94 0.49
C GLY A 48 -7.29 -8.64 1.26
N HIS A 49 -7.78 -9.75 0.71
CA HIS A 49 -8.84 -10.52 1.35
C HIS A 49 -8.35 -11.14 2.66
N ARG A 50 -7.06 -11.46 2.71
CA ARG A 50 -6.46 -12.06 3.90
C ARG A 50 -5.07 -11.48 4.16
N CYS A 51 -5.01 -10.18 4.36
CA CYS A 51 -3.73 -9.50 4.62
C CYS A 51 -3.16 -9.93 5.96
N ILE A 52 -1.89 -10.34 5.97
CA ILE A 52 -1.23 -10.77 7.19
C ILE A 52 -0.02 -9.89 7.51
N GLY A 53 0.79 -9.61 6.49
CA GLY A 53 1.97 -8.79 6.69
C GLY A 53 2.25 -7.86 5.51
N ALA A 54 3.14 -6.91 5.73
CA ALA A 54 3.50 -5.96 4.69
C ALA A 54 4.91 -5.44 4.90
N ARG A 55 5.62 -5.17 3.80
CA ARG A 55 6.98 -4.66 3.88
C ARG A 55 7.15 -3.43 3.00
N VAL A 56 7.83 -2.41 3.54
CA VAL A 56 8.06 -1.18 2.81
C VAL A 56 9.54 -0.97 2.55
N ASN A 57 9.90 -0.82 1.27
CA ASN A 57 11.29 -0.61 0.88
C ASN A 57 12.19 -1.73 1.40
N GLY A 58 11.68 -2.97 1.34
CA GLY A 58 12.46 -4.11 1.79
C GLY A 58 12.35 -4.34 3.29
N ARG A 59 11.81 -3.37 4.02
CA ARG A 59 11.67 -3.50 5.46
C ARG A 59 10.26 -3.98 5.83
N LEU A 60 10.15 -4.66 6.96
CA LEU A 60 8.86 -5.17 7.42
C LEU A 60 8.03 -4.06 8.05
N VAL A 61 6.71 -4.19 7.96
CA VAL A 61 5.80 -3.19 8.52
C VAL A 61 4.48 -3.82 8.95
N ALA A 62 3.76 -3.12 9.82
CA ALA A 62 2.48 -3.59 10.31
C ALA A 62 1.36 -3.23 9.35
N LEU A 63 0.23 -3.95 9.46
CA LEU A 63 -0.92 -3.70 8.61
C LEU A 63 -1.56 -2.35 8.91
N GLU A 64 -1.33 -1.84 10.12
CA GLU A 64 -1.89 -0.57 10.53
C GLU A 64 -0.98 0.60 10.13
N ARG A 65 0.22 0.30 9.67
CA ARG A 65 1.16 1.32 9.25
C ARG A 65 0.70 2.00 7.96
N LYS A 66 0.58 3.33 8.00
CA LYS A 66 0.14 4.09 6.85
C LYS A 66 1.15 3.98 5.71
N LEU A 67 0.65 3.86 4.48
CA LEU A 67 1.50 3.75 3.32
C LEU A 67 2.20 5.06 3.02
N GLU A 68 3.24 5.00 2.19
CA GLU A 68 4.00 6.20 1.82
C GLU A 68 3.81 6.52 0.35
N ASN A 69 4.00 7.80 0.00
CA ASN A 69 3.83 8.25 -1.37
C ASN A 69 5.12 8.05 -2.17
N GLY A 70 5.09 7.13 -3.13
CA GLY A 70 6.25 6.86 -3.95
C GLY A 70 7.09 5.73 -3.43
N GLU A 71 6.89 5.37 -2.16
CA GLU A 71 7.64 4.28 -1.56
C GLU A 71 7.14 2.93 -2.05
N VAL A 72 7.98 1.91 -1.93
CA VAL A 72 7.61 0.57 -2.37
C VAL A 72 6.84 -0.17 -1.28
N VAL A 73 5.55 -0.34 -1.49
CA VAL A 73 4.70 -1.02 -0.53
C VAL A 73 4.53 -2.50 -0.87
N GLU A 74 4.80 -3.36 0.10
CA GLU A 74 4.69 -4.80 -0.09
C GLU A 74 3.66 -5.39 0.87
N VAL A 75 2.99 -6.45 0.44
CA VAL A 75 1.99 -7.11 1.25
C VAL A 75 2.04 -8.62 1.08
N PHE A 76 1.61 -9.34 2.11
CA PHE A 76 1.60 -10.80 2.08
C PHE A 76 0.38 -11.36 2.79
N THR A 77 -0.34 -12.24 2.11
CA THR A 77 -1.53 -12.86 2.66
C THR A 77 -1.18 -13.69 3.90
N ASP A 12 -7.84 19.29 -5.56
CA ASP A 12 -7.83 20.76 -5.32
C ASP A 12 -8.91 21.17 -4.31
N LEU A 13 -8.48 21.54 -3.12
CA LEU A 13 -9.40 21.95 -2.06
C LEU A 13 -10.36 20.81 -1.71
N ALA A 14 -9.88 19.59 -1.80
CA ALA A 14 -10.69 18.42 -1.49
C ALA A 14 -9.81 17.22 -1.12
N VAL A 15 -9.10 17.34 -0.01
CA VAL A 15 -8.23 16.26 0.45
C VAL A 15 -7.10 16.01 -0.55
N GLN A 16 -5.93 15.65 -0.02
CA GLN A 16 -4.78 15.38 -0.87
C GLN A 16 -4.60 13.88 -1.09
N GLU A 17 -4.27 13.51 -2.33
CA GLU A 17 -4.07 12.10 -2.67
C GLU A 17 -2.60 11.71 -2.53
N ILE A 18 -2.35 10.41 -2.40
CA ILE A 18 -1.00 9.90 -2.27
C ILE A 18 -0.61 9.02 -3.45
N PHE A 19 0.69 8.84 -3.65
CA PHE A 19 1.20 8.02 -4.72
C PHE A 19 2.17 6.98 -4.20
N VAL A 20 2.07 5.77 -4.71
CA VAL A 20 2.93 4.68 -4.29
C VAL A 20 3.44 3.87 -5.48
N PHE A 21 4.45 3.05 -5.24
CA PHE A 21 5.01 2.22 -6.29
C PHE A 21 5.11 0.76 -5.84
N THR A 22 4.92 -0.15 -6.80
CA THR A 22 4.98 -1.57 -6.51
C THR A 22 6.28 -2.18 -7.05
N PRO A 23 6.76 -3.27 -6.43
CA PRO A 23 7.99 -3.94 -6.84
C PRO A 23 8.03 -4.21 -8.35
N LYS A 24 6.84 -4.32 -8.95
CA LYS A 24 6.73 -4.58 -10.37
C LYS A 24 7.03 -3.32 -11.19
N GLY A 25 6.85 -2.15 -10.56
CA GLY A 25 7.10 -0.91 -11.24
C GLY A 25 5.86 -0.04 -11.37
N ASP A 26 4.69 -0.67 -11.30
CA ASP A 26 3.42 0.05 -11.41
C ASP A 26 3.31 1.11 -10.33
N VAL A 27 2.34 2.02 -10.50
CA VAL A 27 2.11 3.08 -9.55
C VAL A 27 0.65 3.13 -9.13
N ILE A 28 0.43 3.21 -7.81
CA ILE A 28 -0.93 3.26 -7.27
C ILE A 28 -1.16 4.53 -6.46
N THR A 29 -2.32 5.14 -6.65
CA THR A 29 -2.68 6.36 -5.94
C THR A 29 -3.71 6.07 -4.85
N LEU A 30 -3.42 6.51 -3.63
CA LEU A 30 -4.32 6.30 -2.51
C LEU A 30 -4.41 7.54 -1.64
N PRO A 31 -5.57 7.76 -0.99
CA PRO A 31 -5.78 8.91 -0.11
C PRO A 31 -4.83 8.90 1.08
N THR A 32 -4.62 10.08 1.66
CA THR A 32 -3.73 10.22 2.81
C THR A 32 -4.09 9.22 3.90
N GLY A 33 -3.07 8.55 4.44
CA GLY A 33 -3.30 7.57 5.49
C GLY A 33 -3.74 6.23 4.94
N SER A 34 -3.36 5.97 3.68
CA SER A 34 -3.73 4.71 3.03
C SER A 34 -2.99 3.53 3.67
N THR A 35 -3.76 2.65 4.30
CA THR A 35 -3.18 1.47 4.94
C THR A 35 -2.79 0.42 3.91
N PRO A 36 -2.03 -0.61 4.33
CA PRO A 36 -1.59 -1.68 3.43
C PRO A 36 -2.76 -2.54 2.95
N VAL A 37 -3.78 -2.67 3.79
CA VAL A 37 -4.95 -3.47 3.44
C VAL A 37 -5.59 -2.98 2.15
N ASP A 38 -5.73 -1.67 2.03
CA ASP A 38 -6.33 -1.07 0.84
C ASP A 38 -5.49 -1.39 -0.40
N PHE A 39 -4.19 -1.18 -0.29
CA PHE A 39 -3.27 -1.44 -1.39
C PHE A 39 -3.35 -2.91 -1.82
N ALA A 40 -3.40 -3.80 -0.84
CA ALA A 40 -3.47 -5.23 -1.11
C ALA A 40 -4.76 -5.58 -1.86
N TYR A 41 -5.89 -5.13 -1.32
CA TYR A 41 -7.19 -5.39 -1.94
C TYR A 41 -7.24 -4.84 -3.36
N ALA A 42 -6.61 -3.68 -3.56
CA ALA A 42 -6.57 -3.05 -4.86
C ALA A 42 -5.77 -3.89 -5.86
N VAL A 43 -4.61 -4.35 -5.41
CA VAL A 43 -3.74 -5.17 -6.24
C VAL A 43 -4.23 -6.61 -6.29
N HIS A 44 -4.02 -7.32 -5.19
CA HIS A 44 -4.44 -8.71 -5.09
C HIS A 44 -5.66 -8.85 -4.21
N THR A 45 -6.77 -9.30 -4.77
CA THR A 45 -8.00 -9.47 -4.02
C THR A 45 -7.78 -10.43 -2.84
N GLU A 46 -6.90 -11.41 -3.05
CA GLU A 46 -6.60 -12.39 -2.01
C GLU A 46 -5.87 -11.74 -0.85
N VAL A 47 -4.73 -11.12 -1.14
CA VAL A 47 -3.93 -10.45 -0.11
C VAL A 47 -4.77 -9.45 0.67
N GLY A 48 -5.57 -8.67 -0.04
CA GLY A 48 -6.41 -7.68 0.61
C GLY A 48 -7.44 -8.31 1.52
N HIS A 49 -8.18 -9.29 0.97
CA HIS A 49 -9.21 -9.97 1.74
C HIS A 49 -8.61 -10.66 2.97
N ARG A 50 -7.35 -11.07 2.86
CA ARG A 50 -6.67 -11.74 3.95
C ARG A 50 -5.18 -11.35 3.99
N CYS A 51 -4.90 -10.12 4.37
CA CYS A 51 -3.53 -9.64 4.46
C CYS A 51 -2.87 -10.12 5.74
N ILE A 52 -1.66 -10.65 5.62
CA ILE A 52 -0.93 -11.15 6.78
C ILE A 52 0.32 -10.33 7.04
N GLY A 53 1.13 -10.13 6.00
CA GLY A 53 2.36 -9.36 6.16
C GLY A 53 2.57 -8.35 5.05
N ALA A 54 3.43 -7.37 5.29
CA ALA A 54 3.73 -6.35 4.32
C ALA A 54 5.14 -5.79 4.53
N ARG A 55 5.79 -5.41 3.43
CA ARG A 55 7.14 -4.87 3.50
C ARG A 55 7.24 -3.56 2.72
N VAL A 56 7.90 -2.57 3.31
CA VAL A 56 8.07 -1.27 2.67
C VAL A 56 9.54 -0.93 2.49
N ASN A 57 9.91 -0.51 1.30
CA ASN A 57 11.29 -0.16 1.00
C ASN A 57 12.24 -1.32 1.31
N GLY A 58 11.81 -2.53 0.97
CA GLY A 58 12.63 -3.71 1.22
C GLY A 58 12.72 -4.07 2.70
N ARG A 59 11.85 -3.48 3.51
CA ARG A 59 11.84 -3.75 4.94
C ARG A 59 10.47 -4.26 5.38
N LEU A 60 10.46 -5.07 6.43
CA LEU A 60 9.22 -5.63 6.96
C LEU A 60 8.39 -4.54 7.65
N VAL A 61 7.08 -4.68 7.61
CA VAL A 61 6.19 -3.71 8.22
C VAL A 61 4.90 -4.36 8.72
N ALA A 62 4.21 -3.69 9.63
CA ALA A 62 2.97 -4.19 10.18
C ALA A 62 1.78 -3.80 9.31
N LEU A 63 0.69 -4.54 9.44
CA LEU A 63 -0.52 -4.27 8.66
C LEU A 63 -1.14 -2.94 9.07
N GLU A 64 -0.85 -2.50 10.30
CA GLU A 64 -1.39 -1.25 10.80
C GLU A 64 -0.52 -0.05 10.42
N ARG A 65 0.66 -0.33 9.87
CA ARG A 65 1.57 0.72 9.46
C ARG A 65 1.05 1.45 8.23
N LYS A 66 0.92 2.77 8.33
CA LYS A 66 0.42 3.57 7.22
C LYS A 66 1.39 3.53 6.03
N LEU A 67 0.84 3.46 4.83
CA LEU A 67 1.64 3.41 3.62
C LEU A 67 2.33 4.74 3.36
N GLU A 68 3.48 4.68 2.68
CA GLU A 68 4.25 5.87 2.37
C GLU A 68 3.93 6.38 0.97
N ASN A 69 4.48 7.54 0.63
CA ASN A 69 4.25 8.15 -0.67
C ASN A 69 5.50 8.04 -1.55
N GLY A 70 5.43 7.18 -2.56
CA GLY A 70 6.57 7.00 -3.45
C GLY A 70 7.41 5.79 -3.09
N GLU A 71 7.25 5.29 -1.87
CA GLU A 71 8.00 4.14 -1.41
C GLU A 71 7.40 2.85 -1.96
N VAL A 72 8.21 1.80 -1.99
CA VAL A 72 7.75 0.51 -2.50
C VAL A 72 7.05 -0.29 -1.40
N VAL A 73 5.73 -0.41 -1.52
CA VAL A 73 4.94 -1.14 -0.54
C VAL A 73 4.64 -2.55 -1.02
N GLU A 74 4.75 -3.52 -0.12
CA GLU A 74 4.49 -4.91 -0.45
C GLU A 74 3.59 -5.55 0.60
N VAL A 75 2.72 -6.46 0.15
CA VAL A 75 1.80 -7.14 1.05
C VAL A 75 1.54 -8.57 0.57
N PHE A 76 1.40 -9.49 1.52
CA PHE A 76 1.14 -10.88 1.18
C PHE A 76 0.18 -11.53 2.18
N THR A 77 -0.63 -12.46 1.69
CA THR A 77 -1.59 -13.16 2.52
C THR A 77 -0.88 -14.02 3.56
N ASP A 12 -15.97 13.00 0.68
CA ASP A 12 -14.48 13.05 0.69
C ASP A 12 -13.98 14.20 1.55
N LEU A 13 -12.68 14.19 1.85
CA LEU A 13 -12.07 15.23 2.66
C LEU A 13 -10.56 15.22 2.52
N ALA A 14 -10.09 14.86 1.32
CA ALA A 14 -8.66 14.81 1.05
C ALA A 14 -8.25 15.90 0.06
N VAL A 15 -7.17 16.60 0.37
CA VAL A 15 -6.68 17.67 -0.48
C VAL A 15 -5.35 17.28 -1.13
N GLN A 16 -4.56 16.49 -0.42
CA GLN A 16 -3.26 16.05 -0.94
C GLN A 16 -3.39 14.70 -1.65
N GLU A 17 -2.38 14.36 -2.42
CA GLU A 17 -2.36 13.09 -3.16
C GLU A 17 -1.17 12.24 -2.76
N ILE A 18 -1.23 10.95 -3.08
CA ILE A 18 -0.15 10.03 -2.77
C ILE A 18 0.17 9.15 -3.97
N PHE A 19 1.43 8.74 -4.06
CA PHE A 19 1.88 7.88 -5.15
C PHE A 19 2.74 6.75 -4.60
N VAL A 20 2.55 5.55 -5.11
CA VAL A 20 3.31 4.40 -4.65
C VAL A 20 3.90 3.61 -5.81
N PHE A 21 4.84 2.73 -5.47
CA PHE A 21 5.50 1.89 -6.45
C PHE A 21 5.44 0.43 -6.03
N THR A 22 5.35 -0.46 -7.01
CA THR A 22 5.28 -1.89 -6.74
C THR A 22 6.58 -2.58 -7.11
N PRO A 23 6.95 -3.66 -6.39
CA PRO A 23 8.18 -4.40 -6.66
C PRO A 23 8.35 -4.76 -8.14
N LYS A 24 7.23 -4.83 -8.85
CA LYS A 24 7.24 -5.15 -10.27
C LYS A 24 7.57 -3.93 -11.11
N GLY A 25 7.31 -2.75 -10.56
CA GLY A 25 7.60 -1.52 -11.28
C GLY A 25 6.36 -0.67 -11.52
N ASP A 26 5.20 -1.32 -11.54
CA ASP A 26 3.94 -0.62 -11.77
C ASP A 26 3.66 0.40 -10.67
N VAL A 27 3.35 1.63 -11.08
CA VAL A 27 3.07 2.71 -10.13
C VAL A 27 1.57 2.81 -9.86
N ILE A 28 1.22 2.95 -8.59
CA ILE A 28 -0.19 3.07 -8.20
C ILE A 28 -0.45 4.38 -7.47
N THR A 29 -1.48 5.10 -7.91
CA THR A 29 -1.84 6.37 -7.30
C THR A 29 -2.89 6.17 -6.20
N LEU A 30 -2.63 6.74 -5.04
CA LEU A 30 -3.55 6.63 -3.91
C LEU A 30 -3.67 7.95 -3.18
N PRO A 31 -4.85 8.21 -2.58
CA PRO A 31 -5.10 9.45 -1.83
C PRO A 31 -4.28 9.53 -0.55
N THR A 32 -4.07 10.74 -0.06
CA THR A 32 -3.30 10.95 1.16
C THR A 32 -3.84 10.09 2.30
N GLY A 33 -2.92 9.44 3.02
CA GLY A 33 -3.32 8.59 4.12
C GLY A 33 -3.72 7.20 3.66
N SER A 34 -3.09 6.73 2.58
CA SER A 34 -3.39 5.41 2.03
C SER A 34 -2.69 4.32 2.82
N THR A 35 -3.48 3.41 3.39
CA THR A 35 -2.95 2.32 4.17
C THR A 35 -2.64 1.12 3.27
N PRO A 36 -1.89 0.13 3.79
CA PRO A 36 -1.53 -1.08 3.04
C PRO A 36 -2.75 -1.88 2.61
N VAL A 37 -3.80 -1.83 3.44
CA VAL A 37 -5.03 -2.55 3.14
C VAL A 37 -5.63 -2.11 1.80
N ASP A 38 -5.63 -0.80 1.57
CA ASP A 38 -6.16 -0.25 0.33
C ASP A 38 -5.35 -0.73 -0.86
N PHE A 39 -4.04 -0.61 -0.78
CA PHE A 39 -3.15 -1.03 -1.84
C PHE A 39 -3.32 -2.51 -2.15
N ALA A 40 -3.33 -3.32 -1.09
CA ALA A 40 -3.50 -4.76 -1.24
C ALA A 40 -4.82 -5.10 -1.93
N TYR A 41 -5.90 -4.54 -1.41
CA TYR A 41 -7.23 -4.77 -1.98
C TYR A 41 -7.27 -4.34 -3.44
N ALA A 42 -6.56 -3.27 -3.76
CA ALA A 42 -6.53 -2.75 -5.12
C ALA A 42 -5.78 -3.72 -6.04
N VAL A 43 -4.65 -4.22 -5.57
CA VAL A 43 -3.85 -5.14 -6.35
C VAL A 43 -4.41 -6.55 -6.25
N HIS A 44 -4.24 -7.17 -5.10
CA HIS A 44 -4.74 -8.52 -4.87
C HIS A 44 -5.96 -8.50 -3.96
N THR A 45 -7.10 -8.91 -4.49
CA THR A 45 -8.34 -8.93 -3.72
C THR A 45 -8.18 -9.81 -2.49
N GLU A 46 -7.40 -10.88 -2.62
CA GLU A 46 -7.17 -11.79 -1.51
C GLU A 46 -6.37 -11.13 -0.41
N VAL A 47 -5.23 -10.53 -0.77
CA VAL A 47 -4.37 -9.85 0.19
C VAL A 47 -5.13 -8.77 0.92
N GLY A 48 -5.86 -7.95 0.18
CA GLY A 48 -6.63 -6.88 0.79
C GLY A 48 -7.80 -7.40 1.61
N HIS A 49 -8.39 -8.50 1.16
CA HIS A 49 -9.53 -9.09 1.86
C HIS A 49 -9.12 -9.59 3.24
N ARG A 50 -7.96 -10.24 3.31
CA ARG A 50 -7.46 -10.77 4.58
C ARG A 50 -5.96 -10.53 4.71
N CYS A 51 -5.55 -9.26 4.61
CA CYS A 51 -4.14 -8.90 4.73
C CYS A 51 -3.57 -9.33 6.07
N ILE A 52 -2.39 -9.97 6.04
CA ILE A 52 -1.75 -10.43 7.26
C ILE A 52 -0.48 -9.63 7.55
N GLY A 53 0.29 -9.35 6.52
CA GLY A 53 1.52 -8.59 6.70
C GLY A 53 1.86 -7.71 5.52
N ALA A 54 2.84 -6.83 5.70
CA ALA A 54 3.27 -5.93 4.64
C ALA A 54 4.73 -5.55 4.83
N ARG A 55 5.42 -5.31 3.73
CA ARG A 55 6.82 -4.92 3.77
C ARG A 55 7.09 -3.70 2.89
N VAL A 56 7.87 -2.76 3.42
CA VAL A 56 8.20 -1.55 2.69
C VAL A 56 9.70 -1.46 2.43
N ASN A 57 10.07 -1.33 1.16
CA ASN A 57 11.48 -1.24 0.78
C ASN A 57 12.27 -2.45 1.29
N GLY A 58 11.66 -3.62 1.20
CA GLY A 58 12.33 -4.84 1.65
C GLY A 58 12.21 -5.08 3.14
N ARG A 59 11.77 -4.07 3.89
CA ARG A 59 11.62 -4.19 5.32
C ARG A 59 10.18 -4.54 5.71
N LEU A 60 10.02 -5.21 6.84
CA LEU A 60 8.70 -5.59 7.32
C LEU A 60 7.99 -4.39 7.93
N VAL A 61 6.66 -4.39 7.86
CA VAL A 61 5.87 -3.30 8.41
C VAL A 61 4.49 -3.78 8.86
N ALA A 62 3.86 -2.99 9.72
CA ALA A 62 2.53 -3.33 10.24
C ALA A 62 1.45 -2.90 9.25
N LEU A 63 0.26 -3.48 9.41
CA LEU A 63 -0.87 -3.17 8.54
C LEU A 63 -1.41 -1.77 8.82
N GLU A 64 -1.12 -1.24 10.01
CA GLU A 64 -1.59 0.08 10.40
C GLU A 64 -0.62 1.18 9.94
N ARG A 65 0.56 0.77 9.46
CA ARG A 65 1.56 1.73 9.00
C ARG A 65 1.13 2.38 7.69
N LYS A 66 1.08 3.71 7.67
CA LYS A 66 0.69 4.44 6.48
C LYS A 66 1.69 4.23 5.35
N LEU A 67 1.18 4.13 4.12
CA LEU A 67 2.03 3.92 2.96
C LEU A 67 2.87 5.17 2.65
N GLU A 68 4.08 4.94 2.17
CA GLU A 68 4.97 6.04 1.83
C GLU A 68 4.85 6.39 0.34
N ASN A 69 5.09 7.66 0.03
CA ASN A 69 5.00 8.13 -1.34
C ASN A 69 6.27 7.82 -2.14
N GLY A 70 6.17 6.88 -3.07
CA GLY A 70 7.32 6.52 -3.89
C GLY A 70 8.01 5.27 -3.38
N GLU A 71 7.76 4.90 -2.13
CA GLU A 71 8.37 3.72 -1.54
C GLU A 71 7.71 2.44 -2.08
N VAL A 72 8.44 1.34 -2.04
CA VAL A 72 7.93 0.08 -2.52
C VAL A 72 7.15 -0.64 -1.43
N VAL A 73 5.83 -0.68 -1.57
CA VAL A 73 4.97 -1.32 -0.59
C VAL A 73 4.73 -2.78 -0.94
N GLU A 74 4.67 -3.61 0.09
CA GLU A 74 4.44 -5.04 -0.08
C GLU A 74 3.34 -5.52 0.86
N VAL A 75 2.54 -6.48 0.41
CA VAL A 75 1.45 -7.01 1.21
C VAL A 75 1.24 -8.50 0.95
N PHE A 76 0.92 -9.24 2.00
CA PHE A 76 0.69 -10.66 1.88
C PHE A 76 -0.44 -11.11 2.81
N THR A 77 -1.37 -11.88 2.27
CA THR A 77 -2.50 -12.38 3.03
C THR A 77 -2.05 -13.39 4.07
N ASP A 12 -16.36 13.88 -1.84
CA ASP A 12 -15.53 13.80 -3.07
C ASP A 12 -14.52 14.94 -3.13
N LEU A 13 -13.93 15.26 -1.98
CA LEU A 13 -12.94 16.34 -1.91
C LEU A 13 -11.54 15.77 -1.78
N ALA A 14 -10.54 16.60 -2.05
CA ALA A 14 -9.14 16.18 -1.96
C ALA A 14 -8.21 17.39 -1.85
N VAL A 15 -7.01 17.15 -1.35
CA VAL A 15 -6.02 18.21 -1.18
C VAL A 15 -4.60 17.65 -1.21
N GLN A 16 -4.34 16.68 -0.33
CA GLN A 16 -3.02 16.06 -0.25
C GLN A 16 -3.08 14.62 -0.71
N GLU A 17 -2.42 14.32 -1.83
CA GLU A 17 -2.39 12.97 -2.38
C GLU A 17 -1.01 12.34 -2.20
N ILE A 18 -0.96 11.02 -2.33
CA ILE A 18 0.29 10.29 -2.19
C ILE A 18 0.51 9.35 -3.36
N PHE A 19 1.77 9.10 -3.70
CA PHE A 19 2.13 8.21 -4.78
C PHE A 19 3.02 7.10 -4.27
N VAL A 20 2.77 5.87 -4.74
CA VAL A 20 3.55 4.73 -4.32
C VAL A 20 4.01 3.89 -5.49
N PHE A 21 4.95 2.99 -5.24
CA PHE A 21 5.48 2.12 -6.27
C PHE A 21 5.45 0.67 -5.81
N THR A 22 5.23 -0.23 -6.76
CA THR A 22 5.16 -1.66 -6.46
C THR A 22 6.29 -2.42 -7.13
N PRO A 23 6.77 -3.51 -6.51
CA PRO A 23 7.86 -4.33 -7.06
C PRO A 23 7.62 -4.69 -8.53
N LYS A 24 6.36 -4.72 -8.93
CA LYS A 24 5.99 -5.05 -10.30
C LYS A 24 6.35 -3.91 -11.26
N GLY A 25 6.47 -2.70 -10.73
CA GLY A 25 6.80 -1.55 -11.56
C GLY A 25 5.67 -0.55 -11.65
N ASP A 26 4.44 -1.04 -11.69
CA ASP A 26 3.27 -0.16 -11.78
C ASP A 26 3.18 0.76 -10.57
N VAL A 27 2.90 2.04 -10.83
CA VAL A 27 2.77 3.02 -9.77
C VAL A 27 1.31 3.18 -9.34
N ILE A 28 1.08 3.29 -8.03
CA ILE A 28 -0.26 3.43 -7.51
C ILE A 28 -0.41 4.74 -6.71
N THR A 29 -1.53 5.43 -6.93
CA THR A 29 -1.80 6.68 -6.23
C THR A 29 -2.76 6.45 -5.07
N LEU A 30 -2.38 6.93 -3.90
CA LEU A 30 -3.20 6.78 -2.71
C LEU A 30 -3.22 8.07 -1.88
N PRO A 31 -4.33 8.33 -1.18
CA PRO A 31 -4.47 9.52 -0.34
C PRO A 31 -3.61 9.45 0.92
N THR A 32 -3.31 10.62 1.48
CA THR A 32 -2.50 10.71 2.68
C THR A 32 -3.09 9.87 3.81
N GLY A 33 -2.23 9.18 4.56
CA GLY A 33 -2.68 8.35 5.65
C GLY A 33 -3.21 7.01 5.18
N SER A 34 -2.75 6.56 4.02
CA SER A 34 -3.17 5.29 3.47
C SER A 34 -2.53 4.12 4.21
N THR A 35 -3.13 2.94 4.07
CA THR A 35 -2.62 1.75 4.72
C THR A 35 -2.40 0.63 3.71
N PRO A 36 -1.66 -0.43 4.11
CA PRO A 36 -1.37 -1.57 3.23
C PRO A 36 -2.63 -2.32 2.84
N VAL A 37 -3.62 -2.33 3.73
CA VAL A 37 -4.88 -3.02 3.48
C VAL A 37 -5.55 -2.48 2.22
N ASP A 38 -5.60 -1.15 2.10
CA ASP A 38 -6.21 -0.52 0.94
C ASP A 38 -5.44 -0.85 -0.33
N PHE A 39 -4.12 -0.71 -0.26
CA PHE A 39 -3.26 -1.01 -1.40
C PHE A 39 -3.42 -2.45 -1.85
N ALA A 40 -3.40 -3.37 -0.89
CA ALA A 40 -3.54 -4.79 -1.19
C ALA A 40 -4.88 -5.07 -1.87
N TYR A 41 -5.96 -4.59 -1.27
CA TYR A 41 -7.30 -4.78 -1.81
C TYR A 41 -7.40 -4.22 -3.22
N ALA A 42 -6.74 -3.08 -3.45
CA ALA A 42 -6.76 -2.44 -4.75
C ALA A 42 -6.05 -3.29 -5.79
N VAL A 43 -4.89 -3.82 -5.42
CA VAL A 43 -4.11 -4.66 -6.31
C VAL A 43 -4.66 -6.08 -6.34
N HIS A 44 -4.42 -6.82 -5.26
CA HIS A 44 -4.90 -8.18 -5.14
C HIS A 44 -6.08 -8.27 -4.19
N THR A 45 -7.25 -8.62 -4.72
CA THR A 45 -8.45 -8.75 -3.90
C THR A 45 -8.23 -9.72 -2.76
N GLU A 46 -7.42 -10.75 -3.01
CA GLU A 46 -7.11 -11.75 -2.00
C GLU A 46 -6.29 -11.16 -0.87
N VAL A 47 -5.15 -10.57 -1.21
CA VAL A 47 -4.27 -9.96 -0.22
C VAL A 47 -5.03 -8.95 0.64
N GLY A 48 -5.84 -8.11 0.00
CA GLY A 48 -6.61 -7.12 0.71
C GLY A 48 -7.67 -7.73 1.61
N HIS A 49 -8.37 -8.74 1.09
CA HIS A 49 -9.41 -9.41 1.85
C HIS A 49 -8.84 -10.10 3.09
N ARG A 50 -7.70 -10.76 2.93
CA ARG A 50 -7.06 -11.46 4.03
C ARG A 50 -5.59 -11.06 4.16
N CYS A 51 -5.33 -9.76 4.27
CA CYS A 51 -3.97 -9.26 4.40
C CYS A 51 -3.35 -9.75 5.70
N ILE A 52 -2.18 -10.39 5.59
CA ILE A 52 -1.49 -10.91 6.76
C ILE A 52 -0.24 -10.11 7.07
N GLY A 53 0.51 -9.76 6.02
CA GLY A 53 1.73 -9.00 6.22
C GLY A 53 2.01 -8.03 5.08
N ALA A 54 2.95 -7.12 5.30
CA ALA A 54 3.33 -6.14 4.29
C ALA A 54 4.77 -5.69 4.49
N ARG A 55 5.43 -5.32 3.40
CA ARG A 55 6.82 -4.89 3.47
C ARG A 55 7.02 -3.56 2.74
N VAL A 56 7.78 -2.66 3.33
CA VAL A 56 8.05 -1.36 2.74
C VAL A 56 9.53 -1.22 2.40
N ASN A 57 9.82 -1.02 1.12
CA ASN A 57 11.20 -0.88 0.66
C ASN A 57 12.05 -2.06 1.08
N GLY A 58 11.49 -3.26 1.00
CA GLY A 58 12.22 -4.46 1.37
C GLY A 58 12.15 -4.77 2.85
N ARG A 59 11.67 -3.80 3.65
CA ARG A 59 11.55 -3.99 5.08
C ARG A 59 10.17 -4.51 5.46
N LEU A 60 10.09 -5.23 6.56
CA LEU A 60 8.82 -5.78 7.03
C LEU A 60 8.04 -4.73 7.80
N VAL A 61 6.72 -4.77 7.68
CA VAL A 61 5.85 -3.82 8.36
C VAL A 61 4.49 -4.43 8.67
N ALA A 62 3.78 -3.82 9.62
CA ALA A 62 2.46 -4.29 10.01
C ALA A 62 1.38 -3.76 9.07
N LEU A 63 0.16 -4.23 9.25
CA LEU A 63 -0.96 -3.81 8.43
C LEU A 63 -1.40 -2.40 8.77
N GLU A 64 -1.14 -1.98 10.01
CA GLU A 64 -1.52 -0.65 10.47
C GLU A 64 -0.45 0.39 10.14
N ARG A 65 0.65 -0.05 9.54
CA ARG A 65 1.75 0.85 9.18
C ARG A 65 1.33 1.78 8.03
N LYS A 66 1.45 3.08 8.25
CA LYS A 66 1.09 4.07 7.23
C LYS A 66 2.00 3.96 6.02
N LEU A 67 1.40 3.84 4.85
CA LEU A 67 2.15 3.73 3.60
C LEU A 67 2.82 5.05 3.24
N GLU A 68 4.11 4.99 2.94
CA GLU A 68 4.86 6.18 2.57
C GLU A 68 4.90 6.36 1.07
N ASN A 69 4.82 7.60 0.61
CA ASN A 69 4.84 7.89 -0.82
C ASN A 69 6.25 7.74 -1.39
N GLY A 70 6.34 7.06 -2.52
CA GLY A 70 7.64 6.86 -3.16
C GLY A 70 8.29 5.57 -2.73
N GLU A 71 7.84 5.00 -1.63
CA GLU A 71 8.40 3.76 -1.12
C GLU A 71 7.73 2.56 -1.77
N VAL A 72 8.43 1.42 -1.75
CA VAL A 72 7.89 0.19 -2.34
C VAL A 72 7.01 -0.54 -1.34
N VAL A 73 5.71 -0.53 -1.59
CA VAL A 73 4.75 -1.18 -0.71
C VAL A 73 4.52 -2.62 -1.12
N GLU A 74 4.56 -3.51 -0.13
CA GLU A 74 4.34 -4.94 -0.38
C GLU A 74 3.28 -5.49 0.56
N VAL A 75 2.50 -6.44 0.07
CA VAL A 75 1.44 -7.05 0.86
C VAL A 75 1.25 -8.51 0.50
N PHE A 76 0.99 -9.34 1.51
CA PHE A 76 0.79 -10.76 1.30
C PHE A 76 -0.30 -11.31 2.22
N THR A 77 -1.21 -12.09 1.65
CA THR A 77 -2.30 -12.68 2.41
C THR A 77 -1.76 -13.66 3.44
N ASP A 12 -4.35 20.91 7.69
CA ASP A 12 -5.28 22.01 7.33
C ASP A 12 -6.38 21.53 6.38
N LEU A 13 -6.80 20.28 6.57
CA LEU A 13 -7.85 19.70 5.73
C LEU A 13 -7.42 19.66 4.27
N ALA A 14 -6.79 18.56 3.87
CA ALA A 14 -6.33 18.40 2.50
C ALA A 14 -7.16 17.36 1.76
N VAL A 15 -7.01 17.33 0.43
CA VAL A 15 -7.75 16.39 -0.39
C VAL A 15 -7.00 16.08 -1.69
N GLN A 16 -5.75 15.67 -1.54
CA GLN A 16 -4.92 15.34 -2.70
C GLN A 16 -4.99 13.85 -3.02
N GLU A 17 -4.21 13.41 -4.01
CA GLU A 17 -4.19 12.02 -4.41
C GLU A 17 -2.88 11.35 -4.01
N ILE A 18 -2.87 10.03 -3.99
CA ILE A 18 -1.68 9.27 -3.63
C ILE A 18 -1.20 8.42 -4.80
N PHE A 19 0.12 8.20 -4.84
CA PHE A 19 0.72 7.40 -5.90
C PHE A 19 1.78 6.49 -5.31
N VAL A 20 1.83 5.24 -5.77
CA VAL A 20 2.81 4.30 -5.26
C VAL A 20 3.31 3.38 -6.37
N PHE A 21 4.40 2.68 -6.08
CA PHE A 21 4.99 1.76 -7.03
C PHE A 21 5.22 0.40 -6.40
N THR A 22 5.15 -0.65 -7.21
CA THR A 22 5.34 -2.01 -6.72
C THR A 22 6.76 -2.48 -6.97
N PRO A 23 7.29 -3.38 -6.12
CA PRO A 23 8.64 -3.91 -6.26
C PRO A 23 8.94 -4.38 -7.68
N LYS A 24 7.90 -4.75 -8.41
CA LYS A 24 8.06 -5.21 -9.79
C LYS A 24 8.27 -4.04 -10.75
N GLY A 25 7.83 -2.85 -10.33
CA GLY A 25 8.00 -1.67 -11.17
C GLY A 25 6.68 -1.02 -11.52
N ASP A 26 5.60 -1.80 -11.52
CA ASP A 26 4.28 -1.27 -11.84
C ASP A 26 3.88 -0.16 -10.88
N VAL A 27 3.13 0.82 -11.41
CA VAL A 27 2.69 1.95 -10.62
C VAL A 27 1.21 1.84 -10.27
N ILE A 28 0.87 2.07 -9.01
CA ILE A 28 -0.51 1.99 -8.56
C ILE A 28 -0.98 3.33 -7.98
N THR A 29 -2.07 3.85 -8.51
CA THR A 29 -2.63 5.11 -8.05
C THR A 29 -3.69 4.88 -6.97
N LEU A 30 -3.54 5.56 -5.85
CA LEU A 30 -4.48 5.43 -4.74
C LEU A 30 -4.79 6.78 -4.13
N PRO A 31 -6.01 6.94 -3.58
CA PRO A 31 -6.44 8.19 -2.95
C PRO A 31 -5.71 8.46 -1.63
N THR A 32 -5.66 9.72 -1.24
CA THR A 32 -4.99 10.11 0.00
C THR A 32 -5.49 9.28 1.18
N GLY A 33 -4.56 8.81 2.00
CA GLY A 33 -4.92 8.01 3.16
C GLY A 33 -5.12 6.55 2.80
N SER A 34 -4.44 6.10 1.75
CA SER A 34 -4.55 4.73 1.31
C SER A 34 -3.78 3.78 2.23
N THR A 35 -4.50 2.84 2.83
CA THR A 35 -3.89 1.88 3.73
C THR A 35 -3.37 0.66 2.95
N PRO A 36 -2.56 -0.20 3.60
CA PRO A 36 -1.99 -1.38 2.96
C PRO A 36 -3.07 -2.39 2.57
N VAL A 37 -4.15 -2.43 3.35
CA VAL A 37 -5.26 -3.34 3.09
C VAL A 37 -5.83 -3.11 1.69
N ASP A 38 -6.07 -1.84 1.36
CA ASP A 38 -6.63 -1.48 0.06
C ASP A 38 -5.68 -1.89 -1.07
N PHE A 39 -4.40 -1.52 -0.93
CA PHE A 39 -3.40 -1.85 -1.92
C PHE A 39 -3.30 -3.36 -2.12
N ALA A 40 -3.30 -4.09 -1.02
CA ALA A 40 -3.21 -5.54 -1.06
C ALA A 40 -4.38 -6.13 -1.83
N TYR A 41 -5.59 -5.74 -1.45
CA TYR A 41 -6.81 -6.22 -2.10
C TYR A 41 -6.80 -5.87 -3.58
N ALA A 42 -6.25 -4.71 -3.91
CA ALA A 42 -6.18 -4.26 -5.29
C ALA A 42 -5.25 -5.16 -6.10
N VAL A 43 -4.09 -5.48 -5.53
CA VAL A 43 -3.13 -6.34 -6.19
C VAL A 43 -3.51 -7.80 -6.05
N HIS A 44 -3.35 -8.34 -4.84
CA HIS A 44 -3.70 -9.72 -4.56
C HIS A 44 -4.98 -9.81 -3.74
N THR A 45 -6.02 -10.39 -4.33
CA THR A 45 -7.29 -10.52 -3.64
C THR A 45 -7.12 -11.29 -2.34
N GLU A 46 -6.21 -12.27 -2.34
CA GLU A 46 -5.94 -13.07 -1.16
C GLU A 46 -5.31 -12.23 -0.06
N VAL A 47 -4.23 -11.52 -0.40
CA VAL A 47 -3.54 -10.68 0.56
C VAL A 47 -4.48 -9.67 1.18
N GLY A 48 -5.32 -9.06 0.34
CA GLY A 48 -6.27 -8.08 0.82
C GLY A 48 -7.34 -8.69 1.70
N HIS A 49 -7.81 -9.87 1.31
CA HIS A 49 -8.85 -10.56 2.07
C HIS A 49 -8.36 -10.88 3.49
N ARG A 50 -7.14 -11.38 3.59
CA ARG A 50 -6.56 -11.72 4.89
C ARG A 50 -5.11 -11.28 4.98
N CYS A 51 -4.87 -9.97 4.88
CA CYS A 51 -3.53 -9.42 4.96
C CYS A 51 -2.91 -9.69 6.32
N ILE A 52 -1.68 -10.19 6.33
CA ILE A 52 -0.99 -10.50 7.57
C ILE A 52 0.14 -9.50 7.84
N GLY A 53 0.89 -9.17 6.79
CA GLY A 53 1.99 -8.23 6.95
C GLY A 53 2.25 -7.40 5.71
N ALA A 54 3.07 -6.37 5.85
CA ALA A 54 3.41 -5.50 4.74
C ALA A 54 4.79 -4.88 4.95
N ARG A 55 5.47 -4.56 3.85
CA ARG A 55 6.79 -3.96 3.93
C ARG A 55 6.95 -2.83 2.91
N VAL A 56 7.65 -1.78 3.32
CA VAL A 56 7.87 -0.63 2.45
C VAL A 56 9.36 -0.47 2.13
N ASN A 57 9.70 -0.67 0.87
CA ASN A 57 11.09 -0.56 0.42
C ASN A 57 12.01 -1.47 1.22
N GLY A 58 11.54 -2.68 1.50
CA GLY A 58 12.33 -3.64 2.26
C GLY A 58 12.13 -3.52 3.76
N ARG A 59 11.50 -2.42 4.19
CA ARG A 59 11.26 -2.20 5.61
C ARG A 59 9.91 -2.78 6.02
N LEU A 60 9.79 -3.15 7.29
CA LEU A 60 8.56 -3.72 7.81
C LEU A 60 7.60 -2.61 8.26
N VAL A 61 6.31 -2.82 8.02
CA VAL A 61 5.30 -1.84 8.40
C VAL A 61 4.06 -2.52 8.98
N ALA A 62 3.26 -1.74 9.70
CA ALA A 62 2.05 -2.25 10.31
C ALA A 62 0.87 -2.15 9.35
N LEU A 63 -0.16 -2.95 9.59
CA LEU A 63 -1.34 -2.95 8.75
C LEU A 63 -2.09 -1.61 8.84
N GLU A 64 -1.95 -0.95 9.98
CA GLU A 64 -2.60 0.34 10.19
C GLU A 64 -1.75 1.49 9.68
N ARG A 65 -0.50 1.21 9.32
CA ARG A 65 0.40 2.24 8.82
C ARG A 65 -0.02 2.72 7.43
N LYS A 66 -0.22 4.02 7.30
CA LYS A 66 -0.64 4.61 6.03
C LYS A 66 0.43 4.42 4.96
N LEU A 67 0.01 4.15 3.74
CA LEU A 67 0.93 3.95 2.63
C LEU A 67 1.62 5.26 2.25
N GLU A 68 2.86 5.15 1.77
CA GLU A 68 3.64 6.30 1.37
C GLU A 68 3.49 6.55 -0.14
N ASN A 69 3.84 7.75 -0.57
CA ASN A 69 3.74 8.11 -1.98
C ASN A 69 5.08 7.94 -2.69
N GLY A 70 5.09 7.05 -3.69
CA GLY A 70 6.31 6.81 -4.44
C GLY A 70 7.13 5.67 -3.88
N GLU A 71 6.85 5.28 -2.63
CA GLU A 71 7.58 4.20 -1.99
C GLU A 71 7.08 2.85 -2.49
N VAL A 72 7.91 1.82 -2.33
CA VAL A 72 7.54 0.48 -2.77
C VAL A 72 6.74 -0.24 -1.70
N VAL A 73 5.45 -0.40 -1.93
CA VAL A 73 4.58 -1.05 -0.97
C VAL A 73 4.53 -2.57 -1.19
N GLU A 74 4.64 -3.31 -0.11
CA GLU A 74 4.60 -4.78 -0.17
C GLU A 74 3.62 -5.33 0.85
N VAL A 75 2.94 -6.42 0.49
CA VAL A 75 1.98 -7.04 1.38
C VAL A 75 1.97 -8.56 1.21
N PHE A 76 1.70 -9.26 2.31
CA PHE A 76 1.64 -10.71 2.29
C PHE A 76 0.53 -11.24 3.20
N THR A 77 -0.23 -12.19 2.67
CA THR A 77 -1.33 -12.78 3.43
C THR A 77 -0.80 -13.67 4.55
N ASP A 12 -15.72 15.40 -0.45
CA ASP A 12 -14.34 15.82 -0.13
C ASP A 12 -13.48 15.91 -1.38
N LEU A 13 -13.76 15.04 -2.35
CA LEU A 13 -13.01 15.01 -3.60
C LEU A 13 -11.53 14.76 -3.34
N ALA A 14 -11.22 14.13 -2.21
CA ALA A 14 -9.84 13.83 -1.85
C ALA A 14 -8.97 15.08 -1.85
N VAL A 15 -8.77 15.65 -0.67
CA VAL A 15 -7.96 16.85 -0.53
C VAL A 15 -6.55 16.62 -1.05
N GLN A 16 -5.80 15.79 -0.37
CA GLN A 16 -4.42 15.48 -0.76
C GLN A 16 -4.33 14.09 -1.39
N GLU A 17 -3.25 13.84 -2.11
CA GLU A 17 -3.05 12.55 -2.76
C GLU A 17 -1.70 11.94 -2.38
N ILE A 18 -1.56 10.65 -2.60
CA ILE A 18 -0.33 9.94 -2.30
C ILE A 18 0.07 9.01 -3.44
N PHE A 19 1.37 8.80 -3.60
CA PHE A 19 1.88 7.94 -4.65
C PHE A 19 2.77 6.85 -4.07
N VAL A 20 2.63 5.64 -4.58
CA VAL A 20 3.42 4.51 -4.12
C VAL A 20 3.97 3.71 -5.28
N PHE A 21 4.95 2.85 -5.00
CA PHE A 21 5.56 2.02 -6.02
C PHE A 21 5.56 0.55 -5.59
N THR A 22 5.43 -0.33 -6.57
CA THR A 22 5.41 -1.77 -6.32
C THR A 22 6.69 -2.42 -6.82
N PRO A 23 7.10 -3.54 -6.19
CA PRO A 23 8.31 -4.26 -6.58
C PRO A 23 8.41 -4.48 -8.09
N LYS A 24 7.25 -4.52 -8.75
CA LYS A 24 7.19 -4.74 -10.19
C LYS A 24 7.64 -3.49 -10.94
N GLY A 25 7.52 -2.33 -10.29
CA GLY A 25 7.92 -1.09 -10.92
C GLY A 25 6.75 -0.13 -11.12
N ASP A 26 5.55 -0.69 -11.22
CA ASP A 26 4.35 0.11 -11.43
C ASP A 26 4.15 1.09 -10.27
N VAL A 27 3.22 2.02 -10.45
CA VAL A 27 2.93 3.02 -9.43
C VAL A 27 1.43 3.06 -9.11
N ILE A 28 1.10 3.15 -7.83
CA ILE A 28 -0.30 3.19 -7.40
C ILE A 28 -0.60 4.48 -6.63
N THR A 29 -1.71 5.12 -6.98
CA THR A 29 -2.12 6.35 -6.32
C THR A 29 -3.09 6.05 -5.17
N LEU A 30 -2.80 6.60 -4.00
CA LEU A 30 -3.62 6.39 -2.83
C LEU A 30 -3.81 7.67 -2.04
N PRO A 31 -4.95 7.84 -1.36
CA PRO A 31 -5.24 9.02 -0.56
C PRO A 31 -4.35 9.13 0.67
N THR A 32 -4.19 10.34 1.18
CA THR A 32 -3.36 10.59 2.35
C THR A 32 -3.73 9.65 3.50
N GLY A 33 -2.71 9.13 4.19
CA GLY A 33 -2.95 8.23 5.30
C GLY A 33 -3.36 6.84 4.84
N SER A 34 -2.99 6.50 3.61
CA SER A 34 -3.32 5.19 3.06
C SER A 34 -2.47 4.09 3.68
N THR A 35 -3.14 3.10 4.26
CA THR A 35 -2.46 1.99 4.90
C THR A 35 -2.27 0.83 3.92
N PRO A 36 -1.31 -0.08 4.21
CA PRO A 36 -1.04 -1.24 3.36
C PRO A 36 -2.32 -1.98 2.95
N VAL A 37 -3.30 -1.96 3.83
CA VAL A 37 -4.58 -2.63 3.55
C VAL A 37 -5.22 -2.07 2.29
N ASP A 38 -5.26 -0.74 2.19
CA ASP A 38 -5.86 -0.09 1.03
C ASP A 38 -5.13 -0.48 -0.26
N PHE A 39 -3.80 -0.39 -0.23
CA PHE A 39 -2.99 -0.75 -1.39
C PHE A 39 -3.23 -2.20 -1.80
N ALA A 40 -3.29 -3.08 -0.81
CA ALA A 40 -3.51 -4.51 -1.06
C ALA A 40 -4.84 -4.72 -1.77
N TYR A 41 -5.90 -4.15 -1.22
CA TYR A 41 -7.23 -4.28 -1.80
C TYR A 41 -7.27 -3.71 -3.22
N ALA A 42 -6.55 -2.61 -3.42
CA ALA A 42 -6.50 -1.96 -4.73
C ALA A 42 -5.80 -2.85 -5.75
N VAL A 43 -4.68 -3.45 -5.34
CA VAL A 43 -3.92 -4.33 -6.22
C VAL A 43 -4.55 -5.72 -6.26
N HIS A 44 -4.39 -6.46 -5.16
CA HIS A 44 -4.94 -7.80 -5.06
C HIS A 44 -6.17 -7.82 -4.15
N THR A 45 -7.34 -8.08 -4.74
CA THR A 45 -8.57 -8.13 -3.97
C THR A 45 -8.47 -9.14 -2.84
N GLU A 46 -7.71 -10.20 -3.08
CA GLU A 46 -7.51 -11.26 -2.08
C GLU A 46 -6.72 -10.73 -0.89
N VAL A 47 -5.57 -10.12 -1.18
CA VAL A 47 -4.71 -9.57 -0.14
C VAL A 47 -5.47 -8.55 0.70
N GLY A 48 -6.20 -7.67 0.03
CA GLY A 48 -6.97 -6.65 0.73
C GLY A 48 -8.07 -7.23 1.59
N HIS A 49 -8.85 -8.14 1.02
CA HIS A 49 -9.94 -8.77 1.74
C HIS A 49 -9.43 -9.52 2.96
N ARG A 50 -8.26 -10.13 2.83
CA ARG A 50 -7.66 -10.88 3.93
C ARG A 50 -6.16 -10.58 4.04
N CYS A 51 -5.83 -9.33 4.35
CA CYS A 51 -4.44 -8.92 4.48
C CYS A 51 -3.80 -9.54 5.72
N ILE A 52 -2.65 -10.17 5.53
CA ILE A 52 -1.94 -10.80 6.63
C ILE A 52 -0.65 -10.06 6.96
N GLY A 53 0.11 -9.73 5.93
CA GLY A 53 1.36 -9.02 6.14
C GLY A 53 1.72 -8.10 4.98
N ALA A 54 2.74 -7.27 5.18
CA ALA A 54 3.18 -6.34 4.16
C ALA A 54 4.66 -6.02 4.33
N ARG A 55 5.38 -5.95 3.22
CA ARG A 55 6.81 -5.65 3.26
C ARG A 55 7.13 -4.41 2.41
N VAL A 56 7.96 -3.54 2.96
CA VAL A 56 8.35 -2.31 2.27
C VAL A 56 9.87 -2.16 2.26
N ASN A 57 10.40 -1.77 1.12
CA ASN A 57 11.85 -1.57 0.97
C ASN A 57 12.62 -2.84 1.34
N GLY A 58 12.11 -3.99 0.93
CA GLY A 58 12.79 -5.25 1.22
C GLY A 58 12.73 -5.66 2.68
N ARG A 59 11.90 -4.99 3.47
CA ARG A 59 11.78 -5.30 4.88
C ARG A 59 10.32 -5.41 5.29
N LEU A 60 10.04 -6.19 6.32
CA LEU A 60 8.67 -6.38 6.81
C LEU A 60 8.16 -5.11 7.48
N VAL A 61 6.84 -4.91 7.42
CA VAL A 61 6.23 -3.74 8.02
C VAL A 61 4.93 -4.10 8.73
N ALA A 62 4.50 -3.22 9.64
CA ALA A 62 3.28 -3.44 10.39
C ALA A 62 2.05 -3.04 9.59
N LEU A 63 0.92 -3.66 9.89
CA LEU A 63 -0.33 -3.37 9.19
C LEU A 63 -0.82 -1.96 9.52
N GLU A 64 -0.42 -1.44 10.67
CA GLU A 64 -0.82 -0.11 11.10
C GLU A 64 0.13 0.97 10.56
N ARG A 65 1.25 0.53 9.98
CA ARG A 65 2.22 1.47 9.44
C ARG A 65 1.69 2.16 8.19
N LYS A 66 1.68 3.48 8.20
CA LYS A 66 1.18 4.26 7.07
C LYS A 66 2.09 4.09 5.85
N LEU A 67 1.49 4.10 4.67
CA LEU A 67 2.24 3.94 3.42
C LEU A 67 3.09 5.18 3.14
N GLU A 68 4.21 4.97 2.44
CA GLU A 68 5.10 6.06 2.11
C GLU A 68 4.80 6.61 0.72
N ASN A 69 5.43 7.73 0.38
CA ASN A 69 5.22 8.36 -0.91
C ASN A 69 6.36 8.02 -1.89
N GLY A 70 6.13 7.02 -2.73
CA GLY A 70 7.14 6.64 -3.70
C GLY A 70 7.92 5.40 -3.29
N GLU A 71 7.86 5.06 -2.00
CA GLU A 71 8.57 3.90 -1.50
C GLU A 71 7.97 2.61 -2.05
N VAL A 72 8.75 1.53 -2.01
CA VAL A 72 8.29 0.25 -2.50
C VAL A 72 7.51 -0.50 -1.43
N VAL A 73 6.20 -0.60 -1.60
CA VAL A 73 5.34 -1.28 -0.66
C VAL A 73 4.88 -2.64 -1.19
N GLU A 74 4.75 -3.60 -0.29
CA GLU A 74 4.33 -4.95 -0.66
C GLU A 74 3.32 -5.49 0.35
N VAL A 75 2.39 -6.32 -0.13
CA VAL A 75 1.38 -6.91 0.73
C VAL A 75 1.24 -8.41 0.48
N PHE A 76 0.76 -9.12 1.48
CA PHE A 76 0.57 -10.56 1.37
C PHE A 76 -0.70 -11.01 2.09
N THR A 77 -1.58 -11.69 1.37
CA THR A 77 -2.83 -12.17 1.94
C THR A 77 -2.56 -13.20 3.04
#